data_4A37
#
_entry.id   4A37
#
_cell.length_a   41.890
_cell.length_b   83.840
_cell.length_c   107.450
_cell.angle_alpha   90.00
_cell.angle_beta   96.37
_cell.angle_gamma   90.00
#
_symmetry.space_group_name_H-M   'P 1 21 1'
#
loop_
_entity.id
_entity.type
_entity.pdbx_description
1 polymer METALLO-CARBOXYPEPTIDASE
2 non-polymer 'ZINC ION'
3 water water
#
_entity_poly.entity_id   1
_entity_poly.type   'polypeptide(L)'
_entity_poly.pdbx_seq_one_letter_code
;MASWSHPQFEKGAMQIRADFDSGNIQVIDASDPRRIRLAIRPDLASQHFQWFHFKVEGMAPATEHCFTLVNAGQSAYSHA
WSGYQAVASYDGERWFRVPSQYDADGLHFQLEPEESEVRFAYFEPYSRERHARLVERALGIEGVERLAVGTSVQGRDIEL
LRVRRHPDSHLKLWVIAQQHPGEHMAEWFMEGLIERLQRPDDTEMQRLLEKADLYLVPNMNPDGAFHGNLRTNAAGQDLN
RAWLEPSAERSPEVWFVQQEMKRHGVDLFLDIHGDEEIPHVFAAGCEGNPGYTPRLERLEQRFREELMARGEFQIRHGYP
RSAPGQANLALACNFVGQTYDCLAFTIEMPFKDHDDNPEPGTGWSGARSKRLGQDVLSTLAVLVDELR
;
_entity_poly.pdbx_strand_id   A,B
#
# COMPACT_ATOMS: atom_id res chain seq x y z
N MET A 14 23.39 3.39 7.26
CA MET A 14 22.13 4.19 7.33
C MET A 14 20.89 3.30 7.32
N GLN A 15 19.93 3.63 8.18
CA GLN A 15 18.69 2.87 8.26
C GLN A 15 17.50 3.80 8.25
N ILE A 16 16.47 3.42 7.50
CA ILE A 16 15.26 4.21 7.41
C ILE A 16 14.08 3.38 7.88
N ARG A 17 13.21 3.99 8.68
CA ARG A 17 12.05 3.28 9.21
C ARG A 17 10.85 4.21 9.42
N ALA A 18 9.67 3.61 9.54
CA ALA A 18 8.45 4.36 9.74
C ALA A 18 7.53 3.62 10.69
N ASP A 19 8.11 2.82 11.57
CA ASP A 19 7.35 2.04 12.53
C ASP A 19 6.98 2.83 13.79
N PHE A 20 6.20 3.88 13.58
CA PHE A 20 5.75 4.74 14.67
C PHE A 20 4.47 5.49 14.27
N ASP A 21 3.87 6.17 15.25
CA ASP A 21 2.64 6.93 15.05
C ASP A 21 2.75 7.85 13.81
N SER A 22 1.81 7.64 12.87
CA SER A 22 1.71 8.39 11.60
C SER A 22 2.83 8.13 10.61
N GLY A 23 3.65 7.13 10.88
CA GLY A 23 4.73 6.82 9.97
C GLY A 23 4.18 6.29 8.65
N ASN A 24 4.85 6.61 7.54
CA ASN A 24 4.44 6.14 6.23
C ASN A 24 5.60 6.23 5.23
N ILE A 25 6.09 5.07 4.81
CA ILE A 25 7.16 4.97 3.84
C ILE A 25 7.51 3.51 3.58
N GLN A 26 8.00 3.24 2.39
CA GLN A 26 8.45 1.91 1.97
C GLN A 26 9.88 2.18 1.51
N VAL A 27 10.84 1.46 2.07
CA VAL A 27 12.23 1.67 1.69
C VAL A 27 12.55 0.82 0.46
N ILE A 28 12.99 1.48 -0.60
CA ILE A 28 13.35 0.77 -1.81
C ILE A 28 14.83 0.44 -1.79
N ASP A 29 15.66 1.47 -1.61
CA ASP A 29 17.11 1.31 -1.56
C ASP A 29 17.73 2.51 -0.88
N ALA A 30 18.41 2.26 0.24
CA ALA A 30 19.08 3.33 0.99
C ALA A 30 20.57 3.08 1.11
N SER A 31 21.11 2.26 0.21
CA SER A 31 22.53 1.92 0.22
C SER A 31 23.46 3.04 -0.27
N ASP A 32 22.93 3.95 -1.06
CA ASP A 32 23.72 5.07 -1.58
C ASP A 32 23.08 6.41 -1.17
N PRO A 33 23.79 7.20 -0.32
CA PRO A 33 23.31 8.50 0.17
C PRO A 33 22.92 9.48 -0.92
N ARG A 34 23.53 9.35 -2.09
CA ARG A 34 23.25 10.25 -3.20
C ARG A 34 22.06 9.78 -4.04
N ARG A 35 21.55 8.59 -3.74
CA ARG A 35 20.43 8.04 -4.47
C ARG A 35 19.51 7.19 -3.60
N ILE A 36 18.95 7.83 -2.57
CA ILE A 36 18.05 7.17 -1.64
C ILE A 36 16.68 7.08 -2.29
N ARG A 37 16.19 5.85 -2.49
CA ARG A 37 14.91 5.63 -3.13
C ARG A 37 13.85 5.15 -2.14
N LEU A 38 12.72 5.86 -2.11
CA LEU A 38 11.63 5.55 -1.21
C LEU A 38 10.30 5.62 -1.96
N ALA A 39 9.28 4.97 -1.38
CA ALA A 39 7.96 4.98 -1.98
C ALA A 39 6.96 5.30 -0.87
N ILE A 40 5.90 6.02 -1.21
CA ILE A 40 4.86 6.35 -0.24
C ILE A 40 3.92 5.15 -0.22
N ARG A 41 3.39 4.84 0.97
CA ARG A 41 2.49 3.69 1.12
C ARG A 41 1.02 4.09 1.02
N PRO A 42 0.24 3.35 0.23
CA PRO A 42 -1.19 3.65 0.09
C PRO A 42 -1.94 3.49 1.42
N ASP A 43 -3.11 4.14 1.53
CA ASP A 43 -3.91 4.05 2.76
C ASP A 43 -4.26 2.60 3.07
N LEU A 44 -4.51 2.31 4.34
CA LEU A 44 -4.84 0.96 4.78
C LEU A 44 -5.81 0.23 3.86
N ALA A 45 -6.91 0.89 3.49
CA ALA A 45 -7.92 0.28 2.65
C ALA A 45 -8.41 1.13 1.47
N SER A 46 -7.54 1.99 0.95
CA SER A 46 -7.90 2.81 -0.20
C SER A 46 -6.63 3.10 -0.99
N GLN A 47 -6.77 3.42 -2.26
CA GLN A 47 -5.62 3.68 -3.12
C GLN A 47 -4.92 5.01 -2.88
N HIS A 48 -5.57 5.90 -2.13
CA HIS A 48 -5.01 7.22 -1.85
C HIS A 48 -3.68 7.23 -1.09
N PHE A 49 -2.87 8.22 -1.40
CA PHE A 49 -1.61 8.47 -0.72
C PHE A 49 -0.98 9.79 -1.13
N GLN A 50 -0.23 10.36 -0.20
CA GLN A 50 0.49 11.62 -0.41
C GLN A 50 1.28 11.88 0.87
N TRP A 51 0.65 11.63 2.01
CA TRP A 51 1.32 11.82 3.30
C TRP A 51 2.47 10.83 3.48
N PHE A 52 3.59 11.33 3.96
CA PHE A 52 4.75 10.48 4.21
C PHE A 52 5.39 10.96 5.50
N HIS A 53 6.04 10.04 6.20
CA HIS A 53 6.68 10.36 7.48
C HIS A 53 7.63 9.22 7.79
N PHE A 54 8.93 9.52 7.85
CA PHE A 54 9.91 8.50 8.15
C PHE A 54 11.10 9.06 8.90
N LYS A 55 11.89 8.16 9.48
CA LYS A 55 13.08 8.53 10.24
C LYS A 55 14.31 7.90 9.61
N VAL A 56 15.42 8.63 9.64
CA VAL A 56 16.67 8.14 9.10
C VAL A 56 17.68 8.14 10.24
N GLU A 57 18.47 7.08 10.34
CA GLU A 57 19.47 6.98 11.39
C GLU A 57 20.80 6.48 10.80
N GLY A 58 21.88 6.73 11.52
CA GLY A 58 23.19 6.29 11.06
C GLY A 58 23.74 7.03 9.85
N MET A 59 23.33 8.28 9.65
CA MET A 59 23.82 9.06 8.52
C MET A 59 25.24 9.55 8.75
N ALA A 60 26.04 9.53 7.69
CA ALA A 60 27.43 9.98 7.76
C ALA A 60 27.52 11.50 7.77
N PRO A 61 28.46 12.04 8.55
CA PRO A 61 28.65 13.50 8.65
C PRO A 61 29.20 14.09 7.35
N ALA A 62 29.08 15.40 7.21
CA ALA A 62 29.56 16.11 6.01
C ALA A 62 29.28 15.31 4.75
N THR A 63 28.04 14.82 4.61
CA THR A 63 27.66 14.04 3.44
C THR A 63 26.28 14.45 2.94
N GLU A 64 26.19 14.85 1.68
CA GLU A 64 24.89 15.24 1.14
C GLU A 64 24.05 13.99 0.92
N HIS A 65 22.82 14.03 1.40
CA HIS A 65 21.90 12.91 1.24
C HIS A 65 20.81 13.38 0.30
N CYS A 66 20.55 12.59 -0.73
CA CYS A 66 19.53 12.96 -1.70
C CYS A 66 18.44 11.91 -1.76
N PHE A 67 17.22 12.34 -1.47
CA PHE A 67 16.05 11.47 -1.43
C PHE A 67 15.11 11.66 -2.61
N THR A 68 14.37 10.59 -2.91
CA THR A 68 13.37 10.60 -3.98
C THR A 68 12.21 9.72 -3.57
N LEU A 69 11.01 10.27 -3.65
CA LEU A 69 9.81 9.49 -3.38
C LEU A 69 9.47 9.11 -4.81
N VAL A 70 9.88 7.92 -5.21
CA VAL A 70 9.72 7.42 -6.57
C VAL A 70 8.30 7.31 -7.13
N ASN A 71 7.29 7.19 -6.27
CA ASN A 71 5.93 7.08 -6.78
C ASN A 71 5.06 8.32 -6.54
N ALA A 72 5.72 9.46 -6.33
CA ALA A 72 5.01 10.72 -6.10
C ALA A 72 4.07 11.01 -7.26
N GLY A 73 4.46 10.59 -8.46
CA GLY A 73 3.66 10.83 -9.65
C GLY A 73 2.32 10.12 -9.64
N GLN A 74 2.17 9.11 -8.79
CA GLN A 74 0.93 8.35 -8.69
C GLN A 74 0.15 8.64 -7.42
N SER A 75 0.53 9.70 -6.71
CA SER A 75 -0.14 10.09 -5.48
C SER A 75 -1.52 10.66 -5.78
N ALA A 76 -2.32 10.87 -4.74
CA ALA A 76 -3.68 11.39 -4.90
C ALA A 76 -3.76 12.77 -5.55
N TYR A 77 -2.81 13.64 -5.23
CA TYR A 77 -2.79 14.98 -5.77
C TYR A 77 -1.37 15.28 -6.24
N SER A 78 -0.94 14.54 -7.26
CA SER A 78 0.41 14.65 -7.82
C SER A 78 0.77 16.04 -8.35
N HIS A 79 -0.23 16.79 -8.84
CA HIS A 79 0.07 18.12 -9.36
C HIS A 79 0.52 19.05 -8.23
N ALA A 80 0.11 18.72 -7.01
CA ALA A 80 0.45 19.53 -5.85
C ALA A 80 1.91 19.44 -5.39
N TRP A 81 2.69 18.55 -6.01
CA TRP A 81 4.09 18.42 -5.61
C TRP A 81 4.92 19.62 -6.09
N SER A 82 4.50 20.26 -7.17
CA SER A 82 5.23 21.41 -7.67
C SER A 82 5.12 22.57 -6.68
N GLY A 83 6.25 23.14 -6.29
CA GLY A 83 6.24 24.24 -5.35
C GLY A 83 6.28 23.79 -3.90
N TYR A 84 6.22 22.47 -3.68
CA TYR A 84 6.25 21.93 -2.33
C TYR A 84 7.65 21.56 -1.85
N GLN A 85 7.96 21.94 -0.61
CA GLN A 85 9.25 21.66 -0.01
C GLN A 85 9.00 20.75 1.20
N ALA A 86 9.70 19.62 1.25
CA ALA A 86 9.54 18.68 2.36
C ALA A 86 9.94 19.29 3.69
N VAL A 87 9.38 18.77 4.78
CA VAL A 87 9.70 19.25 6.12
C VAL A 87 10.57 18.22 6.83
N ALA A 88 11.54 18.71 7.60
CA ALA A 88 12.46 17.83 8.33
C ALA A 88 12.68 18.31 9.77
N SER A 89 13.21 17.41 10.61
CA SER A 89 13.49 17.76 12.01
C SER A 89 14.54 16.83 12.60
N TYR A 90 15.44 17.38 13.41
CA TYR A 90 16.47 16.59 14.06
C TYR A 90 16.01 16.12 15.43
N ASP A 91 15.09 16.88 16.03
CA ASP A 91 14.61 16.55 17.36
C ASP A 91 13.12 16.28 17.51
N GLY A 92 12.37 16.40 16.43
CA GLY A 92 10.93 16.16 16.53
C GLY A 92 10.16 17.37 17.05
N GLU A 93 10.88 18.45 17.35
CA GLU A 93 10.26 19.65 17.87
C GLU A 93 10.45 20.84 16.92
N ARG A 94 11.66 21.01 16.41
CA ARG A 94 11.95 22.09 15.47
C ARG A 94 11.87 21.52 14.06
N TRP A 95 10.93 22.01 13.27
CA TRP A 95 10.80 21.54 11.90
C TRP A 95 11.19 22.62 10.91
N PHE A 96 11.92 22.22 9.87
CA PHE A 96 12.38 23.15 8.86
C PHE A 96 12.20 22.55 7.47
N ARG A 97 12.02 23.42 6.49
CA ARG A 97 11.85 22.98 5.10
C ARG A 97 13.20 22.71 4.43
N VAL A 98 13.21 21.75 3.52
CA VAL A 98 14.44 21.41 2.79
C VAL A 98 14.24 21.57 1.30
N PRO A 99 15.33 21.89 0.57
CA PRO A 99 15.30 22.09 -0.88
C PRO A 99 14.63 20.88 -1.54
N SER A 100 13.60 21.13 -2.34
CA SER A 100 12.88 20.05 -2.99
C SER A 100 12.52 20.40 -4.44
N GLN A 101 12.43 19.36 -5.27
CA GLN A 101 12.07 19.56 -6.67
C GLN A 101 11.15 18.42 -7.10
N TYR A 102 10.39 18.64 -8.16
CA TYR A 102 9.47 17.63 -8.64
C TYR A 102 9.58 17.44 -10.15
N ASP A 103 9.70 16.19 -10.58
CA ASP A 103 9.76 15.87 -12.00
C ASP A 103 9.21 14.46 -12.21
N ALA A 104 9.45 13.88 -13.39
CA ALA A 104 8.94 12.55 -13.70
C ALA A 104 9.45 11.42 -12.81
N ASP A 105 10.63 11.59 -12.22
CA ASP A 105 11.18 10.55 -11.36
C ASP A 105 10.58 10.63 -9.96
N GLY A 106 9.85 11.71 -9.70
CA GLY A 106 9.20 11.89 -8.41
C GLY A 106 9.58 13.16 -7.67
N LEU A 107 9.34 13.15 -6.36
CA LEU A 107 9.69 14.29 -5.51
C LEU A 107 11.09 14.05 -4.97
N HIS A 108 11.95 15.04 -5.12
CA HIS A 108 13.32 14.95 -4.63
C HIS A 108 13.60 16.03 -3.61
N PHE A 109 14.40 15.69 -2.60
CA PHE A 109 14.81 16.69 -1.62
C PHE A 109 16.19 16.34 -1.11
N GLN A 110 16.95 17.36 -0.74
CA GLN A 110 18.33 17.16 -0.27
C GLN A 110 18.63 17.78 1.07
N LEU A 111 19.54 17.14 1.81
CA LEU A 111 19.96 17.62 3.11
C LEU A 111 21.33 17.08 3.48
N GLU A 112 22.18 17.96 3.99
CA GLU A 112 23.49 17.54 4.47
C GLU A 112 23.20 17.71 5.95
N PRO A 113 22.80 16.62 6.61
CA PRO A 113 22.46 16.62 8.03
C PRO A 113 23.56 17.01 9.02
N GLU A 114 23.17 17.84 9.97
CA GLU A 114 24.05 18.33 11.02
C GLU A 114 24.12 17.26 12.10
N GLU A 115 23.23 16.28 12.01
CA GLU A 115 23.15 15.19 12.97
C GLU A 115 23.11 13.84 12.24
N SER A 116 23.31 12.76 12.97
CA SER A 116 23.29 11.43 12.36
C SER A 116 21.87 10.93 12.13
N GLU A 117 20.89 11.58 12.75
CA GLU A 117 19.50 11.17 12.54
C GLU A 117 18.59 12.35 12.29
N VAL A 118 17.60 12.13 11.45
CA VAL A 118 16.66 13.17 11.10
C VAL A 118 15.37 12.49 10.64
N ARG A 119 14.28 13.23 10.69
CA ARG A 119 13.00 12.70 10.25
C ARG A 119 12.44 13.65 9.22
N PHE A 120 11.65 13.10 8.30
CA PHE A 120 11.02 13.90 7.26
C PHE A 120 9.54 13.59 7.28
N ALA A 121 8.73 14.59 6.94
CA ALA A 121 7.29 14.40 6.91
C ALA A 121 6.68 15.39 5.93
N TYR A 122 5.48 15.08 5.46
CA TYR A 122 4.75 15.94 4.53
C TYR A 122 4.33 17.25 5.23
N PHE A 123 4.11 17.16 6.54
CA PHE A 123 3.76 18.32 7.37
C PHE A 123 4.14 17.99 8.81
N GLU A 124 4.39 19.01 9.63
CA GLU A 124 4.71 18.78 11.04
C GLU A 124 3.61 17.87 11.60
N PRO A 125 3.96 16.62 11.98
CA PRO A 125 2.99 15.66 12.51
C PRO A 125 2.39 15.94 13.88
N TYR A 126 1.15 15.50 14.07
CA TYR A 126 0.46 15.64 15.35
C TYR A 126 0.19 14.21 15.81
N SER A 127 0.95 13.75 16.80
CA SER A 127 0.80 12.38 17.28
C SER A 127 -0.41 12.15 18.16
N ARG A 128 -0.80 10.88 18.26
CA ARG A 128 -1.93 10.53 19.10
C ARG A 128 -1.53 10.75 20.56
N GLU A 129 -0.22 10.65 20.83
CA GLU A 129 0.25 10.88 22.19
C GLU A 129 0.06 12.35 22.55
N ARG A 130 0.35 13.23 21.60
CA ARG A 130 0.20 14.66 21.85
C ARG A 130 -1.29 14.95 21.99
N HIS A 131 -2.10 14.26 21.20
CA HIS A 131 -3.55 14.42 21.26
C HIS A 131 -4.05 14.16 22.67
N ALA A 132 -3.57 13.07 23.27
CA ALA A 132 -3.98 12.70 24.63
C ALA A 132 -3.58 13.81 25.59
N ARG A 133 -2.44 14.42 25.36
CA ARG A 133 -1.98 15.50 26.24
C ARG A 133 -2.83 16.74 26.02
N LEU A 134 -3.29 16.95 24.79
CA LEU A 134 -4.13 18.10 24.49
C LEU A 134 -5.46 17.97 25.23
N VAL A 135 -6.04 16.77 25.17
CA VAL A 135 -7.31 16.50 25.83
C VAL A 135 -7.12 16.64 27.34
N GLU A 136 -6.01 16.13 27.84
CA GLU A 136 -5.67 16.20 29.26
C GLU A 136 -5.66 17.67 29.69
N ARG A 137 -4.97 18.50 28.90
CA ARG A 137 -4.88 19.92 29.19
C ARG A 137 -6.26 20.59 29.13
N ALA A 138 -7.03 20.24 28.11
CA ALA A 138 -8.36 20.82 27.95
C ALA A 138 -9.24 20.56 29.17
N LEU A 139 -9.22 19.34 29.67
CA LEU A 139 -10.03 18.96 30.82
C LEU A 139 -9.60 19.66 32.10
N GLY A 140 -8.44 20.30 32.07
CA GLY A 140 -7.97 21.02 33.25
C GLY A 140 -8.33 22.48 33.17
N ILE A 141 -8.96 22.87 32.06
CA ILE A 141 -9.35 24.25 31.84
C ILE A 141 -10.77 24.54 32.34
N GLU A 142 -10.95 25.69 32.97
CA GLU A 142 -12.25 26.10 33.50
C GLU A 142 -13.37 26.02 32.46
N GLY A 143 -14.46 25.34 32.82
CA GLY A 143 -15.59 25.22 31.92
C GLY A 143 -15.50 24.17 30.82
N VAL A 144 -14.42 23.41 30.79
CA VAL A 144 -14.25 22.39 29.76
C VAL A 144 -14.54 20.97 30.26
N GLU A 145 -15.36 20.24 29.52
CA GLU A 145 -15.72 18.88 29.89
C GLU A 145 -15.70 17.98 28.66
N ARG A 146 -15.57 16.68 28.89
CA ARG A 146 -15.60 15.76 27.77
C ARG A 146 -17.08 15.39 27.74
N LEU A 147 -17.82 16.07 26.88
CA LEU A 147 -19.26 15.87 26.77
C LEU A 147 -19.64 14.47 26.31
N ALA A 148 -18.89 13.92 25.37
CA ALA A 148 -19.15 12.59 24.85
C ALA A 148 -17.90 12.03 24.21
N VAL A 149 -17.87 10.72 24.01
CA VAL A 149 -16.72 10.07 23.39
C VAL A 149 -17.19 8.99 22.45
N GLY A 150 -16.83 9.13 21.18
CA GLY A 150 -17.21 8.14 20.20
C GLY A 150 -16.08 7.14 20.05
N THR A 151 -16.31 6.10 19.24
CA THR A 151 -15.29 5.07 19.03
C THR A 151 -15.04 4.86 17.54
N SER A 152 -13.76 4.85 17.16
CA SER A 152 -13.39 4.65 15.77
C SER A 152 -13.53 3.19 15.36
N VAL A 153 -13.32 2.92 14.09
CA VAL A 153 -13.41 1.56 13.58
C VAL A 153 -12.52 0.62 14.41
N GLN A 154 -11.33 1.11 14.76
CA GLN A 154 -10.38 0.30 15.52
C GLN A 154 -10.41 0.50 17.04
N GLY A 155 -11.45 1.16 17.55
CA GLY A 155 -11.59 1.34 18.99
C GLY A 155 -10.96 2.55 19.66
N ARG A 156 -10.42 3.49 18.89
CA ARG A 156 -9.82 4.67 19.50
C ARG A 156 -10.87 5.73 19.83
N ASP A 157 -10.59 6.56 20.84
CA ASP A 157 -11.52 7.59 21.28
C ASP A 157 -11.69 8.79 20.34
N ILE A 158 -12.92 9.27 20.22
CA ILE A 158 -13.23 10.47 19.43
C ILE A 158 -13.87 11.39 20.47
N GLU A 159 -13.05 12.17 21.16
CA GLU A 159 -13.56 13.07 22.19
C GLU A 159 -14.30 14.27 21.63
N LEU A 160 -15.46 14.57 22.23
CA LEU A 160 -16.25 15.74 21.89
C LEU A 160 -16.17 16.56 23.16
N LEU A 161 -15.45 17.67 23.10
CA LEU A 161 -15.28 18.54 24.25
C LEU A 161 -16.25 19.70 24.19
N ARG A 162 -16.78 20.09 25.36
CA ARG A 162 -17.66 21.23 25.38
C ARG A 162 -17.10 22.29 26.33
N VAL A 163 -17.07 23.52 25.84
CA VAL A 163 -16.61 24.65 26.62
C VAL A 163 -17.88 25.39 26.99
N ARG A 164 -18.22 25.37 28.27
CA ARG A 164 -19.43 26.02 28.75
C ARG A 164 -19.13 26.69 30.08
N ARG A 165 -19.17 28.02 30.10
CA ARG A 165 -18.90 28.77 31.32
C ARG A 165 -20.10 29.49 31.90
N HIS A 166 -21.20 29.51 31.15
CA HIS A 166 -22.43 30.15 31.62
C HIS A 166 -23.62 29.26 31.31
N PRO A 167 -24.45 28.99 32.33
CA PRO A 167 -25.64 28.14 32.19
C PRO A 167 -26.72 28.74 31.29
N ASP A 168 -26.60 30.02 30.95
CA ASP A 168 -27.61 30.65 30.11
C ASP A 168 -27.17 30.96 28.69
N SER A 169 -26.10 30.32 28.23
CA SER A 169 -25.64 30.54 26.85
C SER A 169 -26.73 29.90 25.99
N HIS A 170 -26.86 30.33 24.74
CA HIS A 170 -27.91 29.76 23.90
C HIS A 170 -27.44 29.31 22.52
N LEU A 171 -26.17 29.54 22.21
CA LEU A 171 -25.65 29.14 20.91
C LEU A 171 -24.67 27.99 21.05
N LYS A 172 -24.62 27.14 20.03
CA LYS A 172 -23.72 25.99 20.02
C LYS A 172 -22.80 26.13 18.81
N LEU A 173 -21.53 26.41 19.06
CA LEU A 173 -20.58 26.59 17.96
C LEU A 173 -19.71 25.34 17.84
N TRP A 174 -19.82 24.65 16.71
CA TRP A 174 -19.08 23.41 16.46
C TRP A 174 -17.85 23.56 15.59
N VAL A 175 -16.76 22.91 16.01
CA VAL A 175 -15.51 22.91 15.26
C VAL A 175 -14.93 21.51 15.32
N ILE A 176 -14.78 20.86 14.17
CA ILE A 176 -14.20 19.51 14.14
C ILE A 176 -12.98 19.56 13.24
N ALA A 177 -12.02 18.67 13.48
CA ALA A 177 -10.81 18.71 12.69
C ALA A 177 -10.21 17.37 12.25
N GLN A 178 -9.45 17.45 11.16
CA GLN A 178 -8.74 16.33 10.60
C GLN A 178 -9.55 15.10 10.20
N GLN A 179 -10.62 15.30 9.45
CA GLN A 179 -11.39 14.15 8.97
C GLN A 179 -10.47 13.39 8.03
N HIS A 180 -9.62 14.13 7.33
CA HIS A 180 -8.64 13.52 6.42
C HIS A 180 -7.39 13.43 7.30
N PRO A 181 -6.99 12.19 7.65
CA PRO A 181 -5.84 11.94 8.52
C PRO A 181 -4.49 12.56 8.17
N GLY A 182 -4.21 12.78 6.90
CA GLY A 182 -2.93 13.37 6.54
C GLY A 182 -2.80 14.88 6.76
N GLU A 183 -3.93 15.52 7.03
CA GLU A 183 -3.94 16.97 7.21
C GLU A 183 -3.72 17.36 8.66
N HIS A 184 -2.52 17.05 9.14
CA HIS A 184 -2.12 17.32 10.51
C HIS A 184 -2.19 18.78 10.97
N MET A 185 -2.17 19.72 10.03
CA MET A 185 -2.30 21.12 10.37
C MET A 185 -3.64 21.35 11.10
N ALA A 186 -4.60 20.48 10.81
CA ALA A 186 -5.93 20.60 11.40
C ALA A 186 -5.93 20.48 12.92
N GLU A 187 -5.30 19.43 13.46
CA GLU A 187 -5.30 19.33 14.91
C GLU A 187 -4.40 20.41 15.53
N TRP A 188 -3.36 20.84 14.81
CA TRP A 188 -2.51 21.92 15.33
C TRP A 188 -3.40 23.16 15.54
N PHE A 189 -4.30 23.39 14.60
CA PHE A 189 -5.25 24.52 14.67
C PHE A 189 -6.08 24.37 15.94
N MET A 190 -6.49 23.14 16.23
CA MET A 190 -7.29 22.87 17.43
C MET A 190 -6.51 23.08 18.72
N GLU A 191 -5.21 22.77 18.71
CA GLU A 191 -4.38 22.98 19.89
C GLU A 191 -4.32 24.46 20.22
N GLY A 192 -4.17 25.29 19.19
CA GLY A 192 -4.11 26.71 19.42
C GLY A 192 -5.42 27.25 19.96
N LEU A 193 -6.53 26.76 19.41
CA LEU A 193 -7.85 27.19 19.84
C LEU A 193 -8.05 26.82 21.32
N ILE A 194 -7.78 25.58 21.67
CA ILE A 194 -7.94 25.12 23.05
C ILE A 194 -7.00 25.83 24.01
N GLU A 195 -5.73 25.97 23.64
CA GLU A 195 -4.78 26.63 24.52
C GLU A 195 -5.14 28.08 24.82
N ARG A 196 -5.81 28.75 23.89
CA ARG A 196 -6.20 30.13 24.13
C ARG A 196 -7.16 30.21 25.32
N LEU A 197 -7.95 29.15 25.50
CA LEU A 197 -8.94 29.12 26.58
C LEU A 197 -8.31 29.15 27.98
N GLN A 198 -6.99 28.99 28.06
CA GLN A 198 -6.30 29.00 29.35
C GLN A 198 -6.06 30.41 29.87
N ARG A 199 -6.15 31.40 28.97
CA ARG A 199 -5.92 32.80 29.29
C ARG A 199 -6.84 33.47 30.30
N PRO A 200 -6.27 34.24 31.24
CA PRO A 200 -7.07 34.95 32.22
C PRO A 200 -7.30 36.30 31.56
N ASP A 201 -8.38 36.99 31.93
CA ASP A 201 -8.63 38.32 31.36
C ASP A 201 -8.70 38.39 29.83
N ASP A 202 -9.29 37.38 29.21
CA ASP A 202 -9.45 37.37 27.76
C ASP A 202 -10.85 37.93 27.50
N THR A 203 -10.94 39.23 27.28
CA THR A 203 -12.21 39.91 27.06
C THR A 203 -13.06 39.35 25.91
N GLU A 204 -12.44 39.11 24.75
CA GLU A 204 -13.19 38.59 23.61
C GLU A 204 -13.81 37.24 23.93
N MET A 205 -13.05 36.37 24.59
CA MET A 205 -13.57 35.05 24.93
C MET A 205 -14.66 35.13 25.99
N GLN A 206 -14.58 36.13 26.86
CA GLN A 206 -15.59 36.29 27.89
C GLN A 206 -16.91 36.61 27.22
N ARG A 207 -16.85 37.51 26.23
CA ARG A 207 -18.03 37.91 25.49
C ARG A 207 -18.60 36.73 24.70
N LEU A 208 -17.73 36.00 24.02
CA LEU A 208 -18.18 34.85 23.24
C LEU A 208 -18.87 33.79 24.09
N LEU A 209 -18.22 33.40 25.19
CA LEU A 209 -18.77 32.37 26.05
C LEU A 209 -20.00 32.76 26.87
N GLU A 210 -20.34 34.05 26.91
CA GLU A 210 -21.52 34.48 27.64
C GLU A 210 -22.75 34.11 26.81
N LYS A 211 -22.56 34.09 25.49
CA LYS A 211 -23.61 33.78 24.55
C LYS A 211 -23.50 32.41 23.91
N ALA A 212 -22.31 31.81 23.90
CA ALA A 212 -22.16 30.51 23.26
C ALA A 212 -21.30 29.49 24.00
N ASP A 213 -21.52 28.22 23.64
CA ASP A 213 -20.78 27.09 24.17
C ASP A 213 -20.03 26.58 22.94
N LEU A 214 -18.84 26.03 23.16
CA LEU A 214 -18.06 25.50 22.06
C LEU A 214 -18.10 23.98 22.10
N TYR A 215 -18.32 23.37 20.94
CA TYR A 215 -18.36 21.92 20.81
C TYR A 215 -17.18 21.60 19.92
N LEU A 216 -16.16 20.96 20.50
CA LEU A 216 -14.92 20.65 19.79
C LEU A 216 -14.53 19.19 19.65
N VAL A 217 -14.11 18.82 18.44
CA VAL A 217 -13.62 17.47 18.18
C VAL A 217 -12.22 17.65 17.60
N PRO A 218 -11.19 17.60 18.46
CA PRO A 218 -9.78 17.77 18.04
C PRO A 218 -9.31 16.85 16.93
N ASN A 219 -9.81 15.61 16.88
CA ASN A 219 -9.43 14.70 15.81
C ASN A 219 -10.54 13.71 15.46
N MET A 220 -11.02 13.83 14.23
CA MET A 220 -12.10 13.02 13.68
C MET A 220 -11.68 11.67 13.11
N ASN A 221 -10.39 11.43 12.97
CA ASN A 221 -9.92 10.18 12.36
C ASN A 221 -8.63 9.69 12.99
N PRO A 222 -8.69 9.28 14.27
CA PRO A 222 -7.51 8.78 14.99
C PRO A 222 -6.84 7.55 14.37
N ASP A 223 -7.64 6.67 13.77
CA ASP A 223 -7.08 5.47 13.15
C ASP A 223 -6.24 5.86 11.95
N GLY A 224 -6.79 6.71 11.08
CA GLY A 224 -6.07 7.14 9.91
C GLY A 224 -4.80 7.90 10.26
N ALA A 225 -4.87 8.76 11.26
CA ALA A 225 -3.72 9.54 11.66
C ALA A 225 -2.61 8.62 12.17
N PHE A 226 -2.96 7.75 13.12
CA PHE A 226 -1.99 6.83 13.69
C PHE A 226 -1.31 5.97 12.63
N HIS A 227 -2.09 5.51 11.66
CA HIS A 227 -1.54 4.66 10.61
C HIS A 227 -0.89 5.35 9.43
N GLY A 228 -0.75 6.67 9.50
CA GLY A 228 -0.11 7.39 8.41
C GLY A 228 -0.91 7.48 7.12
N ASN A 229 -2.23 7.38 7.22
CA ASN A 229 -3.10 7.49 6.05
C ASN A 229 -3.17 8.96 5.63
N LEU A 230 -3.62 9.18 4.40
CA LEU A 230 -3.78 10.55 3.92
C LEU A 230 -5.25 10.97 3.92
N ARG A 231 -6.06 10.12 3.30
CA ARG A 231 -7.46 10.43 3.08
C ARG A 231 -8.59 9.67 3.77
N THR A 232 -8.38 8.39 4.06
CA THR A 232 -9.45 7.60 4.63
C THR A 232 -9.30 7.07 6.04
N ASN A 233 -10.41 6.62 6.62
CA ASN A 233 -10.38 6.04 7.95
C ASN A 233 -9.94 4.59 7.74
N ALA A 234 -9.89 3.80 8.80
CA ALA A 234 -9.45 2.41 8.67
C ALA A 234 -10.21 1.57 7.66
N ALA A 235 -11.51 1.80 7.54
CA ALA A 235 -12.34 1.04 6.62
C ALA A 235 -12.19 1.45 5.15
N GLY A 236 -11.44 2.51 4.90
CA GLY A 236 -11.24 2.96 3.53
C GLY A 236 -12.24 4.02 3.10
N GLN A 237 -12.98 4.58 4.04
CA GLN A 237 -13.97 5.61 3.71
C GLN A 237 -13.45 7.03 3.88
N ASP A 238 -13.73 7.88 2.89
CA ASP A 238 -13.34 9.29 2.97
C ASP A 238 -14.43 9.86 3.88
N LEU A 239 -14.08 10.17 5.13
CA LEU A 239 -15.08 10.67 6.06
C LEU A 239 -15.81 11.93 5.61
N ASN A 240 -15.16 12.78 4.81
CA ASN A 240 -15.85 13.99 4.38
C ASN A 240 -16.75 13.79 3.16
N ARG A 241 -17.09 12.53 2.88
CA ARG A 241 -17.99 12.19 1.78
C ARG A 241 -19.03 11.24 2.37
N ALA A 242 -18.99 11.09 3.69
CA ALA A 242 -19.89 10.18 4.39
C ALA A 242 -21.04 10.84 5.16
N TRP A 243 -21.23 12.14 5.02
CA TRP A 243 -22.27 12.82 5.79
C TRP A 243 -23.72 12.64 5.35
N LEU A 244 -23.95 12.38 4.06
CA LEU A 244 -25.32 12.20 3.61
C LEU A 244 -25.81 10.79 3.99
N GLU A 245 -24.90 9.83 3.95
CA GLU A 245 -25.22 8.45 4.28
C GLU A 245 -24.16 7.85 5.21
N PRO A 246 -24.14 8.31 6.47
CA PRO A 246 -23.15 7.79 7.42
C PRO A 246 -23.50 6.36 7.84
N SER A 247 -22.52 5.65 8.36
CA SER A 247 -22.71 4.27 8.79
C SER A 247 -22.04 4.04 10.14
N ALA A 248 -22.77 3.43 11.05
CA ALA A 248 -22.21 3.15 12.38
C ALA A 248 -21.07 2.15 12.26
N GLU A 249 -21.04 1.41 11.15
CA GLU A 249 -20.00 0.40 10.93
C GLU A 249 -18.84 0.91 10.09
N ARG A 250 -19.13 1.54 8.95
CA ARG A 250 -18.08 2.02 8.06
C ARG A 250 -17.53 3.40 8.39
N SER A 251 -18.39 4.29 8.87
CA SER A 251 -17.95 5.65 9.22
C SER A 251 -18.44 6.04 10.60
N PRO A 252 -18.10 5.23 11.62
CA PRO A 252 -18.53 5.52 12.99
C PRO A 252 -18.16 6.90 13.50
N GLU A 253 -17.02 7.41 13.03
CA GLU A 253 -16.55 8.73 13.44
C GLU A 253 -17.59 9.80 13.10
N VAL A 254 -18.15 9.74 11.90
CA VAL A 254 -19.16 10.69 11.45
C VAL A 254 -20.53 10.38 12.06
N TRP A 255 -20.85 9.09 12.20
CA TRP A 255 -22.12 8.68 12.78
C TRP A 255 -22.21 9.30 14.18
N PHE A 256 -21.11 9.21 14.92
CA PHE A 256 -21.02 9.77 16.27
C PHE A 256 -21.31 11.26 16.32
N VAL A 257 -20.58 12.04 15.52
CA VAL A 257 -20.79 13.48 15.52
C VAL A 257 -22.22 13.85 15.14
N GLN A 258 -22.77 13.16 14.15
CA GLN A 258 -24.14 13.47 13.74
C GLN A 258 -25.15 13.18 14.84
N GLN A 259 -24.91 12.14 15.63
CA GLN A 259 -25.83 11.82 16.72
C GLN A 259 -25.78 12.93 17.77
N GLU A 260 -24.57 13.38 18.08
CA GLU A 260 -24.40 14.42 19.07
C GLU A 260 -24.96 15.76 18.59
N MET A 261 -24.89 16.03 17.29
CA MET A 261 -25.45 17.27 16.78
C MET A 261 -26.96 17.25 16.92
N LYS A 262 -27.56 16.07 16.73
CA LYS A 262 -29.01 15.93 16.85
C LYS A 262 -29.44 16.18 18.28
N ARG A 263 -28.59 15.79 19.22
CA ARG A 263 -28.88 15.94 20.64
C ARG A 263 -28.79 17.39 21.11
N HIS A 264 -27.73 18.09 20.68
CA HIS A 264 -27.52 19.46 21.12
C HIS A 264 -27.87 20.62 20.20
N GLY A 265 -27.84 20.42 18.89
CA GLY A 265 -28.15 21.52 18.00
C GLY A 265 -26.87 22.18 17.50
N VAL A 266 -26.97 22.91 16.40
CA VAL A 266 -25.79 23.57 15.81
C VAL A 266 -26.13 24.97 15.32
N ASP A 267 -25.30 25.96 15.68
CA ASP A 267 -25.53 27.34 15.24
C ASP A 267 -24.36 27.88 14.42
N LEU A 268 -23.31 27.07 14.33
CA LEU A 268 -22.11 27.39 13.56
C LEU A 268 -21.30 26.11 13.43
N PHE A 269 -20.73 25.91 12.25
CA PHE A 269 -19.93 24.73 11.98
C PHE A 269 -18.69 25.05 11.17
N LEU A 270 -17.54 24.67 11.70
CA LEU A 270 -16.26 24.85 11.05
C LEU A 270 -15.61 23.48 10.95
N ASP A 271 -15.21 23.11 9.74
CA ASP A 271 -14.58 21.83 9.45
C ASP A 271 -13.15 22.17 9.03
N ILE A 272 -12.20 21.82 9.88
CA ILE A 272 -10.80 22.15 9.66
C ILE A 272 -10.02 21.14 8.83
N HIS A 273 -9.46 21.62 7.72
CA HIS A 273 -8.71 20.80 6.77
C HIS A 273 -7.36 21.41 6.35
N GLY A 274 -6.71 20.68 5.45
CA GLY A 274 -5.45 21.11 4.86
C GLY A 274 -5.54 20.81 3.37
N ASP A 275 -5.00 21.69 2.53
CA ASP A 275 -5.04 21.43 1.09
C ASP A 275 -3.63 21.34 0.53
N GLU A 276 -3.38 20.27 -0.21
CA GLU A 276 -2.07 20.01 -0.80
C GLU A 276 -1.61 21.03 -1.85
N GLU A 277 -2.53 21.37 -2.75
CA GLU A 277 -2.26 22.28 -3.87
C GLU A 277 -2.13 23.78 -3.65
N ILE A 278 -3.16 24.40 -3.08
CA ILE A 278 -3.23 25.83 -2.89
C ILE A 278 -2.34 26.41 -1.78
N PRO A 279 -1.39 27.28 -2.15
CA PRO A 279 -0.48 27.90 -1.18
C PRO A 279 -1.09 29.14 -0.52
N HIS A 280 -2.31 28.97 0.01
CA HIS A 280 -3.03 30.04 0.67
C HIS A 280 -4.05 29.46 1.64
N VAL A 281 -4.23 30.13 2.78
CA VAL A 281 -5.25 29.71 3.73
C VAL A 281 -6.55 30.27 3.17
N PHE A 282 -7.59 29.46 3.10
CA PHE A 282 -8.87 29.93 2.61
C PHE A 282 -10.01 29.19 3.26
N ALA A 283 -11.24 29.60 2.94
CA ALA A 283 -12.41 28.96 3.50
C ALA A 283 -13.40 28.72 2.37
N ALA A 284 -14.06 27.57 2.39
CA ALA A 284 -15.04 27.25 1.38
C ALA A 284 -16.40 27.22 2.08
N GLY A 285 -17.39 27.86 1.47
CA GLY A 285 -18.72 27.91 2.09
C GLY A 285 -19.78 26.99 1.50
N CYS A 286 -21.04 27.32 1.72
CA CYS A 286 -22.17 26.53 1.25
C CYS A 286 -22.97 27.19 0.13
N GLU A 287 -22.34 28.01 -0.70
CA GLU A 287 -23.07 28.70 -1.76
C GLU A 287 -23.83 27.79 -2.73
N GLY A 288 -23.50 26.51 -2.75
CA GLY A 288 -24.18 25.58 -3.63
C GLY A 288 -25.38 24.88 -3.02
N ASN A 289 -25.58 25.08 -1.71
CA ASN A 289 -26.68 24.43 -0.98
C ASN A 289 -28.06 24.92 -1.43
N PRO A 290 -29.01 23.99 -1.56
CA PRO A 290 -30.35 24.44 -1.95
C PRO A 290 -30.86 25.38 -0.86
N GLY A 291 -30.39 25.16 0.36
CA GLY A 291 -30.77 25.99 1.48
C GLY A 291 -29.89 27.21 1.69
N TYR A 292 -29.15 27.62 0.67
CA TYR A 292 -28.28 28.80 0.78
C TYR A 292 -29.12 30.07 0.72
N THR A 293 -29.50 30.57 1.90
CA THR A 293 -30.36 31.76 2.02
C THR A 293 -29.58 33.08 2.02
N PRO A 294 -30.29 34.21 1.82
CA PRO A 294 -29.60 35.50 1.82
C PRO A 294 -28.89 35.70 3.17
N ARG A 295 -29.54 35.24 4.22
CA ARG A 295 -28.99 35.34 5.56
C ARG A 295 -27.62 34.67 5.68
N LEU A 296 -27.54 33.43 5.19
CA LEU A 296 -26.28 32.69 5.25
C LEU A 296 -25.24 33.29 4.34
N GLU A 297 -25.67 33.79 3.19
CA GLU A 297 -24.74 34.42 2.25
C GLU A 297 -24.09 35.63 2.93
N ARG A 298 -24.92 36.38 3.65
CA ARG A 298 -24.45 37.57 4.36
C ARG A 298 -23.46 37.20 5.47
N LEU A 299 -23.82 36.19 6.25
CA LEU A 299 -22.96 35.74 7.34
C LEU A 299 -21.62 35.23 6.82
N GLU A 300 -21.62 34.58 5.66
CA GLU A 300 -20.36 34.09 5.11
C GLU A 300 -19.46 35.27 4.79
N GLN A 301 -20.05 36.35 4.29
CA GLN A 301 -19.27 37.55 3.95
C GLN A 301 -18.70 38.18 5.22
N ARG A 302 -19.52 38.26 6.26
CA ARG A 302 -19.07 38.83 7.54
C ARG A 302 -17.91 38.01 8.12
N PHE A 303 -18.04 36.69 8.09
CA PHE A 303 -16.99 35.84 8.62
C PHE A 303 -15.66 36.07 7.91
N ARG A 304 -15.68 36.02 6.58
CA ARG A 304 -14.46 36.23 5.79
C ARG A 304 -13.88 37.62 6.00
N GLU A 305 -14.76 38.62 6.06
CA GLU A 305 -14.32 40.00 6.26
C GLU A 305 -13.60 40.18 7.59
N GLU A 306 -14.16 39.61 8.66
CA GLU A 306 -13.55 39.72 9.98
C GLU A 306 -12.28 38.89 10.12
N LEU A 307 -12.27 37.68 9.57
CA LEU A 307 -11.08 36.82 9.68
C LEU A 307 -9.91 37.38 8.87
N MET A 308 -10.21 37.98 7.72
CA MET A 308 -9.17 38.53 6.87
C MET A 308 -8.48 39.71 7.56
N ALA A 309 -9.20 40.37 8.45
CA ALA A 309 -8.66 41.52 9.19
C ALA A 309 -7.84 41.11 10.42
N ARG A 310 -7.94 39.83 10.81
CA ARG A 310 -7.24 39.34 12.00
C ARG A 310 -6.17 38.28 11.80
N GLY A 311 -6.44 37.28 10.96
CA GLY A 311 -5.45 36.23 10.79
C GLY A 311 -4.83 36.08 9.41
N GLU A 312 -4.06 35.01 9.26
CA GLU A 312 -3.43 34.69 7.99
C GLU A 312 -4.50 33.96 7.21
N PHE A 313 -5.27 34.75 6.46
CA PHE A 313 -6.39 34.24 5.71
C PHE A 313 -6.67 35.18 4.54
N GLN A 314 -7.04 34.62 3.39
CA GLN A 314 -7.34 35.45 2.24
C GLN A 314 -8.59 34.98 1.51
N ILE A 315 -9.05 35.77 0.55
CA ILE A 315 -10.28 35.46 -0.20
C ILE A 315 -10.11 35.44 -1.71
N ARG A 316 -8.88 35.57 -2.19
CA ARG A 316 -8.63 35.56 -3.63
C ARG A 316 -8.55 34.16 -4.21
N HIS A 317 -7.78 33.29 -3.56
CA HIS A 317 -7.60 31.92 -4.02
C HIS A 317 -8.43 30.91 -3.23
N GLY A 318 -8.86 29.85 -3.90
CA GLY A 318 -9.65 28.82 -3.25
C GLY A 318 -10.21 27.83 -4.26
N TYR A 319 -11.19 27.03 -3.83
CA TYR A 319 -11.82 26.05 -4.70
C TYR A 319 -12.86 26.74 -5.58
N PRO A 320 -13.13 26.20 -6.78
CA PRO A 320 -14.13 26.79 -7.67
C PRO A 320 -15.47 26.78 -6.93
N ARG A 321 -16.23 27.87 -7.01
CA ARG A 321 -17.51 27.91 -6.31
C ARG A 321 -18.53 26.98 -6.96
N SER A 322 -19.52 26.57 -6.17
CA SER A 322 -20.56 25.69 -6.66
C SER A 322 -21.68 26.54 -7.24
N ALA A 323 -22.24 26.07 -8.35
CA ALA A 323 -23.34 26.78 -8.98
C ALA A 323 -24.54 26.66 -8.04
N PRO A 324 -25.48 27.62 -8.11
CA PRO A 324 -26.65 27.57 -7.24
C PRO A 324 -27.32 26.20 -7.22
N GLY A 325 -27.51 25.67 -6.01
CA GLY A 325 -28.15 24.36 -5.85
C GLY A 325 -27.38 23.12 -6.26
N GLN A 326 -26.13 23.28 -6.66
CA GLN A 326 -25.32 22.14 -7.11
C GLN A 326 -24.34 21.57 -6.09
N ALA A 327 -24.48 21.96 -4.83
CA ALA A 327 -23.56 21.47 -3.82
C ALA A 327 -23.67 19.96 -3.61
N ASN A 328 -22.57 19.35 -3.17
CA ASN A 328 -22.55 17.92 -2.88
C ASN A 328 -22.86 17.85 -1.38
N LEU A 329 -24.05 17.38 -1.04
CA LEU A 329 -24.44 17.32 0.36
C LEU A 329 -23.78 16.23 1.19
N ALA A 330 -22.86 15.49 0.57
CA ALA A 330 -22.15 14.43 1.27
C ALA A 330 -20.97 15.00 2.07
N LEU A 331 -20.61 16.24 1.76
CA LEU A 331 -19.51 16.91 2.47
C LEU A 331 -20.06 17.51 3.76
N ALA A 332 -19.28 17.41 4.83
CA ALA A 332 -19.70 17.91 6.14
C ALA A 332 -20.21 19.34 6.13
N CYS A 333 -19.41 20.26 5.61
CA CYS A 333 -19.79 21.67 5.59
C CYS A 333 -21.19 21.87 5.02
N ASN A 334 -21.42 21.36 3.81
CA ASN A 334 -22.72 21.49 3.16
C ASN A 334 -23.84 20.78 3.90
N PHE A 335 -23.57 19.57 4.38
CA PHE A 335 -24.57 18.79 5.08
C PHE A 335 -25.04 19.43 6.39
N VAL A 336 -24.08 19.83 7.22
CA VAL A 336 -24.41 20.44 8.50
C VAL A 336 -25.06 21.81 8.30
N GLY A 337 -24.52 22.60 7.39
CA GLY A 337 -25.06 23.92 7.13
C GLY A 337 -26.52 23.89 6.72
N GLN A 338 -26.88 22.95 5.85
CA GLN A 338 -28.25 22.84 5.39
C GLN A 338 -29.18 22.18 6.40
N THR A 339 -28.69 21.13 7.06
CA THR A 339 -29.47 20.41 8.05
C THR A 339 -29.83 21.29 9.25
N TYR A 340 -28.90 22.15 9.64
CA TYR A 340 -29.12 23.02 10.79
C TYR A 340 -29.31 24.49 10.45
N ASP A 341 -29.33 24.80 9.15
CA ASP A 341 -29.52 26.18 8.69
C ASP A 341 -28.56 27.13 9.44
N CYS A 342 -27.28 26.77 9.44
CA CYS A 342 -26.29 27.57 10.14
C CYS A 342 -25.10 27.94 9.27
N LEU A 343 -24.35 28.95 9.71
CA LEU A 343 -23.15 29.37 9.01
C LEU A 343 -22.22 28.17 9.05
N ALA A 344 -21.65 27.79 7.91
CA ALA A 344 -20.75 26.64 7.87
C ALA A 344 -19.63 26.82 6.85
N PHE A 345 -18.41 26.50 7.28
CA PHE A 345 -17.23 26.63 6.44
C PHE A 345 -16.25 25.48 6.61
N THR A 346 -15.48 25.24 5.56
CA THR A 346 -14.38 24.30 5.61
C THR A 346 -13.24 25.32 5.66
N ILE A 347 -12.30 25.15 6.59
CA ILE A 347 -11.16 26.06 6.68
C ILE A 347 -10.00 25.23 6.14
N GLU A 348 -9.33 25.74 5.12
CA GLU A 348 -8.23 25.01 4.50
C GLU A 348 -6.88 25.69 4.67
N MET A 349 -5.93 24.99 5.30
CA MET A 349 -4.57 25.49 5.48
C MET A 349 -3.65 24.74 4.51
N PRO A 350 -2.66 25.45 3.95
CA PRO A 350 -1.71 24.87 2.99
C PRO A 350 -0.62 23.95 3.51
N PHE A 351 -0.28 22.94 2.70
CA PHE A 351 0.82 22.05 3.05
C PHE A 351 2.11 22.75 2.64
N LYS A 352 1.97 23.73 1.74
CA LYS A 352 3.09 24.52 1.26
C LYS A 352 3.27 25.71 2.20
N ASP A 353 3.05 26.92 1.71
CA ASP A 353 3.17 28.11 2.53
C ASP A 353 1.90 28.93 2.26
N HIS A 354 1.68 29.95 3.08
CA HIS A 354 0.56 30.88 2.90
C HIS A 354 1.33 31.99 2.18
N ASP A 355 1.36 31.92 0.86
CA ASP A 355 2.13 32.87 0.05
C ASP A 355 1.97 34.37 0.29
N ASP A 356 0.85 34.79 0.89
CA ASP A 356 0.65 36.21 1.17
C ASP A 356 1.69 36.68 2.19
N ASN A 357 2.07 35.76 3.08
CA ASN A 357 3.07 36.05 4.12
C ASN A 357 4.14 34.96 4.07
N PRO A 358 5.07 35.05 3.10
CA PRO A 358 6.16 34.10 2.90
C PRO A 358 7.09 33.93 4.09
N GLU A 359 7.31 32.68 4.48
CA GLU A 359 8.22 32.31 5.57
C GLU A 359 8.78 30.97 5.12
N PRO A 360 9.58 30.98 4.03
CA PRO A 360 10.19 29.81 3.39
C PRO A 360 10.93 28.84 4.29
N GLY A 361 11.52 29.35 5.37
CA GLY A 361 12.26 28.48 6.26
C GLY A 361 11.41 27.39 6.88
N THR A 362 10.14 27.70 7.10
CA THR A 362 9.22 26.75 7.72
C THR A 362 7.98 26.47 6.88
N GLY A 363 7.66 27.39 5.97
CA GLY A 363 6.46 27.23 5.18
C GLY A 363 5.30 27.31 6.16
N TRP A 364 4.13 26.77 5.80
CA TRP A 364 3.04 26.79 6.77
C TRP A 364 3.49 25.81 7.85
N SER A 365 3.13 26.08 9.10
CA SER A 365 3.59 25.26 10.21
C SER A 365 2.56 25.00 11.28
N GLY A 366 2.95 24.18 12.26
CA GLY A 366 2.06 23.89 13.36
C GLY A 366 1.81 25.17 14.15
N ALA A 367 2.84 25.97 14.35
CA ALA A 367 2.72 27.22 15.08
C ALA A 367 1.75 28.17 14.40
N ARG A 368 1.84 28.30 13.08
CA ARG A 368 0.94 29.19 12.36
C ARG A 368 -0.48 28.64 12.35
N SER A 369 -0.60 27.32 12.37
CA SER A 369 -1.92 26.69 12.41
C SER A 369 -2.53 27.03 13.77
N LYS A 370 -1.73 26.93 14.83
CA LYS A 370 -2.21 27.24 16.17
C LYS A 370 -2.70 28.69 16.24
N ARG A 371 -1.93 29.60 15.66
CA ARG A 371 -2.32 31.01 15.68
C ARG A 371 -3.63 31.25 14.93
N LEU A 372 -3.82 30.57 13.79
CA LEU A 372 -5.05 30.75 13.03
C LEU A 372 -6.23 30.28 13.87
N GLY A 373 -6.02 29.25 14.68
CA GLY A 373 -7.09 28.77 15.53
C GLY A 373 -7.50 29.87 16.50
N GLN A 374 -6.51 30.58 17.03
CA GLN A 374 -6.77 31.67 17.96
C GLN A 374 -7.42 32.86 17.28
N ASP A 375 -7.03 33.13 16.04
CA ASP A 375 -7.63 34.26 15.32
C ASP A 375 -9.06 33.95 14.92
N VAL A 376 -9.35 32.68 14.67
CA VAL A 376 -10.72 32.29 14.32
C VAL A 376 -11.61 32.53 15.55
N LEU A 377 -11.07 32.29 16.74
CA LEU A 377 -11.86 32.52 17.95
C LEU A 377 -12.23 34.00 18.07
N SER A 378 -11.29 34.88 17.72
CA SER A 378 -11.55 36.33 17.77
C SER A 378 -12.67 36.66 16.80
N THR A 379 -12.62 36.06 15.62
CA THR A 379 -13.64 36.28 14.59
C THR A 379 -15.02 35.84 15.08
N LEU A 380 -15.09 34.69 15.74
CA LEU A 380 -16.35 34.19 16.25
C LEU A 380 -16.91 35.14 17.30
N ALA A 381 -16.04 35.70 18.13
CA ALA A 381 -16.48 36.63 19.17
C ALA A 381 -17.17 37.84 18.55
N VAL A 382 -16.68 38.28 17.40
CA VAL A 382 -17.24 39.43 16.69
C VAL A 382 -18.60 39.15 16.05
N LEU A 383 -18.80 37.92 15.60
CA LEU A 383 -20.04 37.51 14.92
C LEU A 383 -21.10 36.86 15.78
N VAL A 384 -20.77 36.46 16.99
CA VAL A 384 -21.74 35.78 17.84
C VAL A 384 -23.15 36.38 17.87
N ASP A 385 -23.28 37.71 17.91
CA ASP A 385 -24.61 38.33 17.95
C ASP A 385 -25.40 38.23 16.65
N GLU A 386 -24.73 37.86 15.56
CA GLU A 386 -25.37 37.76 14.25
C GLU A 386 -25.68 36.35 13.76
N LEU A 387 -25.18 35.33 14.47
CA LEU A 387 -25.40 33.95 14.06
C LEU A 387 -26.85 33.47 14.01
N ARG A 388 -27.69 34.00 14.90
CA ARG A 388 -29.10 33.65 14.93
C ARG A 388 -29.91 34.94 15.12
N ALA B 13 -8.52 -10.25 22.36
CA ALA B 13 -7.41 -11.23 22.58
C ALA B 13 -6.80 -11.65 21.25
N MET B 14 -7.65 -12.05 20.31
CA MET B 14 -7.19 -12.47 19.00
C MET B 14 -6.40 -11.37 18.31
N GLN B 15 -5.25 -11.74 17.74
CA GLN B 15 -4.40 -10.79 17.05
C GLN B 15 -3.98 -11.30 15.68
N ILE B 16 -3.87 -10.39 14.72
CA ILE B 16 -3.48 -10.74 13.37
C ILE B 16 -2.25 -9.94 12.96
N ARG B 17 -1.28 -10.63 12.36
CA ARG B 17 -0.04 -9.98 11.94
C ARG B 17 0.53 -10.56 10.65
N ALA B 18 1.44 -9.79 10.03
CA ALA B 18 2.08 -10.20 8.79
C ALA B 18 3.53 -9.70 8.80
N ASP B 19 4.11 -9.56 9.99
CA ASP B 19 5.47 -9.09 10.12
C ASP B 19 6.48 -10.22 10.05
N PHE B 20 6.54 -10.85 8.88
CA PHE B 20 7.45 -11.96 8.62
C PHE B 20 7.63 -12.13 7.11
N ASP B 21 8.55 -13.03 6.75
CA ASP B 21 8.84 -13.31 5.34
C ASP B 21 7.58 -13.55 4.51
N SER B 22 7.45 -12.75 3.44
CA SER B 22 6.32 -12.78 2.49
C SER B 22 4.97 -12.40 3.08
N GLY B 23 4.98 -11.85 4.29
CA GLY B 23 3.75 -11.44 4.92
C GLY B 23 3.10 -10.29 4.17
N ASN B 24 1.77 -10.28 4.12
CA ASN B 24 1.04 -9.20 3.44
C ASN B 24 -0.41 -9.15 3.89
N ILE B 25 -0.74 -8.08 4.61
CA ILE B 25 -2.09 -7.83 5.10
C ILE B 25 -2.10 -6.52 5.91
N GLN B 26 -3.24 -5.86 5.89
CA GLN B 26 -3.47 -4.65 6.66
C GLN B 26 -4.69 -5.02 7.48
N VAL B 27 -4.58 -4.94 8.80
CA VAL B 27 -5.71 -5.27 9.66
C VAL B 27 -6.64 -4.07 9.77
N ILE B 28 -7.89 -4.26 9.40
CA ILE B 28 -8.86 -3.17 9.48
C ILE B 28 -9.61 -3.27 10.81
N ASP B 29 -10.20 -4.43 11.08
CA ASP B 29 -10.93 -4.65 12.32
C ASP B 29 -11.01 -6.14 12.62
N ALA B 30 -10.40 -6.54 13.72
CA ALA B 30 -10.38 -7.95 14.14
C ALA B 30 -10.95 -8.12 15.54
N SER B 31 -11.85 -7.21 15.93
CA SER B 31 -12.46 -7.26 17.25
C SER B 31 -13.59 -8.28 17.34
N ASP B 32 -14.17 -8.63 16.20
CA ASP B 32 -15.27 -9.59 16.14
C ASP B 32 -14.93 -10.76 15.20
N PRO B 33 -14.79 -11.97 15.77
CA PRO B 33 -14.46 -13.21 15.03
C PRO B 33 -15.38 -13.46 13.84
N ARG B 34 -16.63 -13.05 13.97
CA ARG B 34 -17.62 -13.25 12.92
C ARG B 34 -17.59 -12.18 11.83
N ARG B 35 -16.75 -11.17 12.00
CA ARG B 35 -16.68 -10.11 11.01
C ARG B 35 -15.26 -9.53 10.99
N ILE B 36 -14.29 -10.37 10.67
CA ILE B 36 -12.90 -9.94 10.60
C ILE B 36 -12.68 -9.23 9.27
N ARG B 37 -12.24 -7.98 9.33
CA ARG B 37 -12.03 -7.17 8.13
C ARG B 37 -10.54 -6.91 7.89
N LEU B 38 -10.07 -7.31 6.71
CA LEU B 38 -8.67 -7.14 6.35
C LEU B 38 -8.55 -6.56 4.94
N ALA B 39 -7.37 -6.03 4.63
CA ALA B 39 -7.11 -5.47 3.32
C ALA B 39 -5.74 -5.94 2.83
N ILE B 40 -5.61 -6.17 1.54
CA ILE B 40 -4.34 -6.58 0.97
C ILE B 40 -3.50 -5.32 0.75
N ARG B 41 -2.19 -5.45 0.94
CA ARG B 41 -1.28 -4.32 0.79
C ARG B 41 -0.68 -4.22 -0.62
N PRO B 42 -0.68 -3.03 -1.22
CA PRO B 42 -0.11 -2.88 -2.56
C PRO B 42 1.40 -3.16 -2.54
N ASP B 43 1.96 -3.52 -3.69
CA ASP B 43 3.40 -3.78 -3.78
C ASP B 43 4.18 -2.56 -3.27
N LEU B 44 5.41 -2.79 -2.80
CA LEU B 44 6.24 -1.70 -2.26
C LEU B 44 6.27 -0.45 -3.12
N ALA B 45 6.44 -0.61 -4.43
CA ALA B 45 6.52 0.53 -5.33
C ALA B 45 5.68 0.45 -6.60
N SER B 46 4.54 -0.25 -6.52
CA SER B 46 3.64 -0.35 -7.65
C SER B 46 2.23 -0.56 -7.11
N GLN B 47 1.22 -0.27 -7.91
CA GLN B 47 -0.17 -0.41 -7.49
C GLN B 47 -0.69 -1.84 -7.37
N HIS B 48 0.04 -2.81 -7.91
CA HIS B 48 -0.39 -4.20 -7.89
C HIS B 48 -0.51 -4.85 -6.52
N PHE B 49 -1.46 -5.77 -6.43
CA PHE B 49 -1.67 -6.58 -5.25
C PHE B 49 -2.67 -7.69 -5.53
N GLN B 50 -2.52 -8.78 -4.80
CA GLN B 50 -3.39 -9.96 -4.91
C GLN B 50 -2.88 -10.96 -3.87
N TRP B 51 -1.57 -11.11 -3.79
CA TRP B 51 -0.98 -12.01 -2.81
C TRP B 51 -1.26 -11.50 -1.39
N PHE B 52 -1.56 -12.42 -0.48
CA PHE B 52 -1.79 -12.06 0.91
C PHE B 52 -1.25 -13.21 1.75
N HIS B 53 -0.86 -12.91 2.97
CA HIS B 53 -0.28 -13.92 3.86
C HIS B 53 -0.25 -13.32 5.26
N PHE B 54 -0.98 -13.94 6.19
CA PHE B 54 -1.02 -13.44 7.55
C PHE B 54 -1.22 -14.55 8.55
N LYS B 55 -0.96 -14.23 9.82
CA LYS B 55 -1.10 -15.19 10.90
C LYS B 55 -2.13 -14.71 11.92
N VAL B 56 -2.91 -15.63 12.44
CA VAL B 56 -3.91 -15.29 13.45
C VAL B 56 -3.52 -16.04 14.72
N GLU B 57 -3.60 -15.37 15.85
CA GLU B 57 -3.27 -15.98 17.12
C GLU B 57 -4.31 -15.59 18.17
N GLY B 58 -4.39 -16.37 19.24
CA GLY B 58 -5.35 -16.07 20.28
C GLY B 58 -6.79 -16.35 19.90
N MET B 59 -7.01 -17.28 18.97
CA MET B 59 -8.36 -17.62 18.55
C MET B 59 -9.03 -18.51 19.57
N ALA B 60 -10.32 -18.27 19.80
CA ALA B 60 -11.08 -19.06 20.75
C ALA B 60 -11.53 -20.39 20.15
N PRO B 61 -11.69 -21.41 21.01
CA PRO B 61 -12.11 -22.74 20.60
C PRO B 61 -13.58 -22.80 20.20
N ALA B 62 -13.91 -23.74 19.32
CA ALA B 62 -15.28 -23.94 18.84
C ALA B 62 -15.98 -22.64 18.45
N THR B 63 -15.29 -21.74 17.76
CA THR B 63 -15.89 -20.49 17.32
C THR B 63 -15.60 -20.30 15.85
N GLU B 64 -16.62 -19.97 15.07
CA GLU B 64 -16.43 -19.77 13.65
C GLU B 64 -15.84 -18.39 13.43
N HIS B 65 -14.80 -18.33 12.60
CA HIS B 65 -14.15 -17.08 12.28
C HIS B 65 -14.42 -16.81 10.82
N CYS B 66 -14.93 -15.63 10.53
CA CYS B 66 -15.26 -15.25 9.16
C CYS B 66 -14.42 -14.05 8.74
N PHE B 67 -13.61 -14.26 7.71
CA PHE B 67 -12.70 -13.24 7.18
C PHE B 67 -13.16 -12.63 5.86
N THR B 68 -12.77 -11.38 5.63
CA THR B 68 -13.08 -10.68 4.39
C THR B 68 -11.90 -9.80 3.99
N LEU B 69 -11.46 -9.95 2.76
CA LEU B 69 -10.40 -9.11 2.24
C LEU B 69 -11.24 -8.03 1.55
N VAL B 70 -11.45 -6.91 2.24
CA VAL B 70 -12.30 -5.84 1.75
C VAL B 70 -11.95 -5.15 0.44
N ASN B 71 -10.68 -5.15 0.05
CA ASN B 71 -10.29 -4.50 -1.20
C ASN B 71 -9.93 -5.46 -2.32
N ALA B 72 -10.44 -6.69 -2.24
CA ALA B 72 -10.17 -7.70 -3.25
C ALA B 72 -10.61 -7.23 -4.65
N GLY B 73 -11.69 -6.44 -4.70
CA GLY B 73 -12.19 -5.95 -5.97
C GLY B 73 -11.25 -5.00 -6.68
N GLN B 74 -10.25 -4.49 -5.96
CA GLN B 74 -9.29 -3.56 -6.53
C GLN B 74 -7.94 -4.21 -6.79
N SER B 75 -7.88 -5.53 -6.62
CA SER B 75 -6.65 -6.26 -6.84
C SER B 75 -6.31 -6.28 -8.33
N ALA B 76 -5.08 -6.66 -8.65
CA ALA B 76 -4.61 -6.70 -10.03
C ALA B 76 -5.44 -7.59 -10.94
N TYR B 77 -5.90 -8.71 -10.40
CA TYR B 77 -6.71 -9.66 -11.15
C TYR B 77 -7.96 -10.03 -10.35
N SER B 78 -8.79 -9.04 -10.07
CA SER B 78 -10.01 -9.25 -9.30
C SER B 78 -10.97 -10.27 -9.89
N HIS B 79 -10.95 -10.45 -11.21
CA HIS B 79 -11.86 -11.43 -11.83
C HIS B 79 -11.46 -12.84 -11.43
N ALA B 80 -10.20 -13.00 -11.03
CA ALA B 80 -9.67 -14.30 -10.64
C ALA B 80 -10.08 -14.78 -9.25
N TRP B 81 -10.82 -13.94 -8.51
CA TRP B 81 -11.26 -14.34 -7.18
C TRP B 81 -12.38 -15.37 -7.27
N SER B 82 -13.17 -15.29 -8.35
CA SER B 82 -14.25 -16.23 -8.55
C SER B 82 -13.69 -17.65 -8.70
N GLY B 83 -14.17 -18.56 -7.87
CA GLY B 83 -13.71 -19.94 -7.94
C GLY B 83 -12.42 -20.20 -7.20
N TYR B 84 -11.93 -19.20 -6.47
CA TYR B 84 -10.69 -19.35 -5.71
C TYR B 84 -10.98 -19.60 -4.23
N GLN B 85 -10.25 -20.55 -3.65
CA GLN B 85 -10.40 -20.89 -2.24
C GLN B 85 -9.07 -20.58 -1.55
N ALA B 86 -9.12 -19.84 -0.46
CA ALA B 86 -7.91 -19.47 0.29
C ALA B 86 -7.24 -20.70 0.88
N VAL B 87 -5.95 -20.58 1.17
CA VAL B 87 -5.20 -21.69 1.75
C VAL B 87 -4.85 -21.35 3.19
N ALA B 88 -4.90 -22.35 4.07
CA ALA B 88 -4.59 -22.15 5.48
C ALA B 88 -3.68 -23.26 6.00
N SER B 89 -3.12 -23.04 7.19
CA SER B 89 -2.22 -24.02 7.81
C SER B 89 -2.06 -23.74 9.28
N TYR B 90 -2.12 -24.80 10.09
CA TYR B 90 -1.97 -24.69 11.53
C TYR B 90 -0.50 -24.75 11.96
N ASP B 91 0.34 -25.38 11.15
CA ASP B 91 1.75 -25.51 11.48
C ASP B 91 2.72 -24.95 10.46
N GLY B 92 2.21 -24.41 9.36
CA GLY B 92 3.11 -23.87 8.34
C GLY B 92 3.72 -24.95 7.48
N GLU B 93 3.33 -26.20 7.71
CA GLU B 93 3.86 -27.32 6.93
C GLU B 93 2.78 -27.99 6.09
N ARG B 94 1.61 -28.22 6.68
CA ARG B 94 0.51 -28.84 5.93
C ARG B 94 -0.50 -27.75 5.61
N TRP B 95 -0.76 -27.54 4.32
CA TRP B 95 -1.71 -26.51 3.92
C TRP B 95 -2.97 -27.13 3.32
N PHE B 96 -4.10 -26.49 3.62
CA PHE B 96 -5.39 -26.97 3.12
C PHE B 96 -6.27 -25.79 2.71
N ARG B 97 -7.23 -26.06 1.82
CA ARG B 97 -8.13 -25.02 1.33
C ARG B 97 -9.32 -24.82 2.27
N VAL B 98 -9.82 -23.59 2.33
CA VAL B 98 -10.96 -23.26 3.17
C VAL B 98 -12.10 -22.69 2.31
N PRO B 99 -13.34 -22.90 2.75
CA PRO B 99 -14.53 -22.41 2.03
C PRO B 99 -14.40 -20.92 1.76
N SER B 100 -14.52 -20.52 0.50
CA SER B 100 -14.39 -19.12 0.15
C SER B 100 -15.43 -18.68 -0.88
N GLN B 101 -15.78 -17.40 -0.84
CA GLN B 101 -16.74 -16.83 -1.77
C GLN B 101 -16.28 -15.44 -2.18
N TYR B 102 -16.79 -14.96 -3.30
CA TYR B 102 -16.42 -13.64 -3.78
C TYR B 102 -17.63 -12.83 -4.24
N ASP B 103 -17.73 -11.60 -3.75
CA ASP B 103 -18.81 -10.71 -4.15
C ASP B 103 -18.30 -9.27 -4.09
N ALA B 104 -19.19 -8.29 -4.25
CA ALA B 104 -18.79 -6.89 -4.23
C ALA B 104 -18.11 -6.43 -2.93
N ASP B 105 -18.37 -7.14 -1.83
CA ASP B 105 -17.77 -6.77 -0.55
C ASP B 105 -16.32 -7.27 -0.45
N GLY B 106 -15.95 -8.18 -1.35
CA GLY B 106 -14.59 -8.71 -1.35
C GLY B 106 -14.50 -10.23 -1.35
N LEU B 107 -13.33 -10.75 -0.98
CA LEU B 107 -13.12 -12.19 -0.90
C LEU B 107 -13.44 -12.60 0.52
N HIS B 108 -14.27 -13.63 0.69
CA HIS B 108 -14.64 -14.10 2.01
C HIS B 108 -14.24 -15.56 2.20
N PHE B 109 -13.84 -15.89 3.43
CA PHE B 109 -13.53 -17.28 3.76
C PHE B 109 -13.76 -17.51 5.24
N GLN B 110 -14.18 -18.73 5.58
CA GLN B 110 -14.48 -19.08 6.96
C GLN B 110 -13.73 -20.31 7.44
N LEU B 111 -13.49 -20.36 8.75
CA LEU B 111 -12.80 -21.48 9.38
C LEU B 111 -13.12 -21.54 10.85
N GLU B 112 -13.40 -22.74 11.34
CA GLU B 112 -13.65 -22.96 12.76
C GLU B 112 -12.36 -23.70 13.11
N PRO B 113 -11.34 -22.94 13.56
CA PRO B 113 -10.00 -23.40 13.95
C PRO B 113 -9.91 -24.58 14.91
N GLU B 114 -9.04 -25.53 14.57
CA GLU B 114 -8.82 -26.70 15.42
C GLU B 114 -7.75 -26.31 16.43
N GLU B 115 -7.04 -25.22 16.13
CA GLU B 115 -6.00 -24.69 17.00
C GLU B 115 -6.26 -23.21 17.24
N SER B 116 -5.56 -22.63 18.22
CA SER B 116 -5.72 -21.22 18.54
C SER B 116 -4.94 -20.33 17.58
N GLU B 117 -4.07 -20.95 16.77
CA GLU B 117 -3.26 -20.19 15.81
C GLU B 117 -3.34 -20.81 14.42
N VAL B 118 -3.36 -19.96 13.41
CA VAL B 118 -3.43 -20.41 12.02
C VAL B 118 -2.89 -19.33 11.08
N ARG B 119 -2.44 -19.74 9.90
CA ARG B 119 -1.93 -18.80 8.92
C ARG B 119 -2.74 -18.99 7.65
N PHE B 120 -2.92 -17.91 6.89
CA PHE B 120 -3.64 -17.96 5.63
C PHE B 120 -2.73 -17.32 4.59
N ALA B 121 -2.84 -17.78 3.35
CA ALA B 121 -2.03 -17.23 2.28
C ALA B 121 -2.70 -17.50 0.96
N TYR B 122 -2.30 -16.76 -0.06
CA TYR B 122 -2.88 -16.92 -1.39
C TYR B 122 -2.42 -18.26 -1.99
N PHE B 123 -1.27 -18.75 -1.52
CA PHE B 123 -0.72 -20.02 -1.98
C PHE B 123 0.31 -20.47 -0.96
N GLU B 124 0.58 -21.77 -0.89
CA GLU B 124 1.59 -22.30 0.03
C GLU B 124 2.87 -21.48 -0.20
N PRO B 125 3.29 -20.69 0.79
CA PRO B 125 4.49 -19.86 0.65
C PRO B 125 5.83 -20.60 0.60
N TYR B 126 6.80 -19.98 -0.06
CA TYR B 126 8.14 -20.52 -0.16
C TYR B 126 9.01 -19.42 0.45
N SER B 127 9.45 -19.65 1.68
CA SER B 127 10.25 -18.66 2.41
C SER B 127 11.68 -18.53 1.93
N ARG B 128 12.30 -17.39 2.23
CA ARG B 128 13.68 -17.16 1.84
C ARG B 128 14.57 -18.10 2.66
N GLU B 129 14.10 -18.48 3.84
CA GLU B 129 14.85 -19.40 4.68
C GLU B 129 14.86 -20.77 4.01
N ARG B 130 13.71 -21.15 3.44
CA ARG B 130 13.64 -22.45 2.75
C ARG B 130 14.53 -22.39 1.52
N HIS B 131 14.58 -21.21 0.89
CA HIS B 131 15.41 -21.01 -0.30
C HIS B 131 16.87 -21.25 0.06
N ALA B 132 17.29 -20.71 1.19
CA ALA B 132 18.66 -20.87 1.65
C ALA B 132 18.97 -22.35 1.85
N ARG B 133 18.00 -23.08 2.41
CA ARG B 133 18.18 -24.50 2.64
C ARG B 133 18.24 -25.25 1.32
N LEU B 134 17.42 -24.84 0.35
CA LEU B 134 17.40 -25.48 -0.96
C LEU B 134 18.75 -25.33 -1.66
N VAL B 135 19.31 -24.12 -1.62
CA VAL B 135 20.59 -23.89 -2.25
C VAL B 135 21.67 -24.73 -1.56
N GLU B 136 21.62 -24.80 -0.24
CA GLU B 136 22.60 -25.58 0.51
C GLU B 136 22.47 -27.05 0.12
N ARG B 137 21.23 -27.54 0.05
CA ARG B 137 20.99 -28.93 -0.34
C ARG B 137 21.50 -29.21 -1.75
N ALA B 138 21.14 -28.33 -2.67
CA ALA B 138 21.54 -28.46 -4.07
C ALA B 138 23.05 -28.58 -4.23
N LEU B 139 23.79 -27.77 -3.48
CA LEU B 139 25.24 -27.79 -3.56
C LEU B 139 25.88 -29.08 -3.07
N GLY B 140 25.07 -29.94 -2.45
CA GLY B 140 25.58 -31.22 -1.97
C GLY B 140 25.32 -32.33 -2.99
N ILE B 141 24.65 -31.96 -4.08
CA ILE B 141 24.32 -32.89 -5.15
C ILE B 141 25.43 -32.97 -6.20
N GLU B 142 25.73 -34.19 -6.62
CA GLU B 142 26.76 -34.42 -7.63
C GLU B 142 26.58 -33.55 -8.86
N GLY B 143 27.63 -32.80 -9.22
CA GLY B 143 27.59 -31.95 -10.40
C GLY B 143 26.98 -30.57 -10.25
N VAL B 144 26.44 -30.24 -9.08
CA VAL B 144 25.82 -28.92 -8.89
C VAL B 144 26.78 -27.90 -8.28
N GLU B 145 26.82 -26.72 -8.89
CA GLU B 145 27.71 -25.65 -8.42
C GLU B 145 27.01 -24.30 -8.49
N ARG B 146 27.44 -23.36 -7.64
CA ARG B 146 26.87 -22.03 -7.66
C ARG B 146 27.74 -21.28 -8.65
N LEU B 147 27.35 -21.35 -9.93
CA LEU B 147 28.09 -20.73 -11.04
C LEU B 147 28.26 -19.22 -10.92
N ALA B 148 27.18 -18.54 -10.54
CA ALA B 148 27.23 -17.09 -10.40
C ALA B 148 26.20 -16.62 -9.39
N VAL B 149 26.33 -15.37 -8.94
CA VAL B 149 25.39 -14.82 -7.98
C VAL B 149 25.09 -13.37 -8.33
N GLY B 150 23.82 -13.11 -8.64
CA GLY B 150 23.39 -11.76 -8.97
C GLY B 150 22.99 -11.07 -7.68
N THR B 151 22.76 -9.77 -7.74
CA THR B 151 22.38 -9.01 -6.56
C THR B 151 21.11 -8.20 -6.82
N SER B 152 20.11 -8.38 -5.97
CA SER B 152 18.85 -7.67 -6.12
C SER B 152 19.01 -6.20 -5.78
N VAL B 153 17.95 -5.43 -5.98
CA VAL B 153 17.97 -4.02 -5.68
C VAL B 153 18.37 -3.81 -4.24
N GLN B 154 17.82 -4.66 -3.36
CA GLN B 154 18.09 -4.55 -1.94
C GLN B 154 19.27 -5.38 -1.43
N GLY B 155 20.09 -5.88 -2.35
CA GLY B 155 21.27 -6.65 -1.95
C GLY B 155 21.16 -8.13 -1.66
N ARG B 156 20.05 -8.76 -2.03
CA ARG B 156 19.87 -10.19 -1.80
C ARG B 156 20.46 -10.99 -2.97
N ASP B 157 20.88 -12.22 -2.71
CA ASP B 157 21.48 -13.09 -3.73
C ASP B 157 20.51 -13.66 -4.75
N ILE B 158 20.97 -13.74 -6.00
CA ILE B 158 20.19 -14.35 -7.08
C ILE B 158 21.12 -15.45 -7.57
N GLU B 159 21.02 -16.63 -6.96
CA GLU B 159 21.87 -17.75 -7.33
C GLU B 159 21.55 -18.36 -8.67
N LEU B 160 22.60 -18.57 -9.45
CA LEU B 160 22.50 -19.23 -10.74
C LEU B 160 23.23 -20.53 -10.49
N LEU B 161 22.49 -21.63 -10.43
CA LEU B 161 23.09 -22.93 -10.19
C LEU B 161 23.27 -23.65 -11.50
N ARG B 162 24.40 -24.31 -11.67
CA ARG B 162 24.62 -25.08 -12.89
C ARG B 162 24.82 -26.53 -12.52
N VAL B 163 24.14 -27.42 -13.23
CA VAL B 163 24.29 -28.84 -13.02
C VAL B 163 25.08 -29.31 -14.23
N ARG B 164 26.32 -29.73 -14.00
CA ARG B 164 27.20 -30.18 -15.07
C ARG B 164 27.96 -31.41 -14.57
N ARG B 165 27.62 -32.57 -15.11
CA ARG B 165 28.27 -33.82 -14.70
C ARG B 165 29.29 -34.38 -15.69
N HIS B 166 29.31 -33.85 -16.91
CA HIS B 166 30.26 -34.31 -17.91
C HIS B 166 30.92 -33.16 -18.64
N PRO B 167 32.23 -33.27 -18.91
CA PRO B 167 32.95 -32.20 -19.60
C PRO B 167 32.64 -32.22 -21.10
N ASP B 168 31.87 -33.22 -21.53
CA ASP B 168 31.49 -33.37 -22.94
C ASP B 168 30.07 -32.89 -23.29
N SER B 169 29.33 -32.35 -22.33
CA SER B 169 27.97 -31.89 -22.65
C SER B 169 28.02 -30.70 -23.61
N HIS B 170 26.99 -30.55 -24.43
CA HIS B 170 26.96 -29.46 -25.40
C HIS B 170 25.78 -28.50 -25.28
N LEU B 171 24.65 -28.97 -24.75
CA LEU B 171 23.46 -28.11 -24.63
C LEU B 171 23.33 -27.42 -23.28
N LYS B 172 22.73 -26.23 -23.31
CA LYS B 172 22.53 -25.44 -22.10
C LYS B 172 21.05 -25.14 -21.93
N LEU B 173 20.44 -25.84 -20.98
CA LEU B 173 19.01 -25.70 -20.70
C LEU B 173 18.79 -24.80 -19.51
N TRP B 174 18.10 -23.68 -19.75
CA TRP B 174 17.82 -22.69 -18.72
C TRP B 174 16.41 -22.73 -18.17
N VAL B 175 16.30 -22.64 -16.84
CA VAL B 175 15.02 -22.63 -16.16
C VAL B 175 15.11 -21.58 -15.05
N ILE B 176 14.28 -20.54 -15.15
CA ILE B 176 14.28 -19.50 -14.12
C ILE B 176 12.87 -19.46 -13.51
N ALA B 177 12.78 -19.06 -12.24
CA ALA B 177 11.48 -19.05 -11.59
C ALA B 177 11.15 -17.84 -10.72
N GLN B 178 9.85 -17.62 -10.58
CA GLN B 178 9.28 -16.57 -9.76
C GLN B 178 9.71 -15.12 -10.04
N GLN B 179 9.62 -14.69 -11.30
CA GLN B 179 9.97 -13.31 -11.60
C GLN B 179 8.92 -12.44 -10.89
N HIS B 180 7.71 -12.96 -10.81
CA HIS B 180 6.61 -12.29 -10.12
C HIS B 180 6.65 -12.95 -8.75
N PRO B 181 7.03 -12.20 -7.70
CA PRO B 181 7.15 -12.67 -6.32
C PRO B 181 6.00 -13.42 -5.67
N GLY B 182 4.76 -13.09 -6.03
CA GLY B 182 3.62 -13.75 -5.42
C GLY B 182 3.33 -15.14 -5.94
N GLU B 183 4.00 -15.54 -7.02
CA GLU B 183 3.78 -16.85 -7.62
C GLU B 183 4.70 -17.91 -7.01
N HIS B 184 4.51 -18.15 -5.72
CA HIS B 184 5.30 -19.09 -4.95
C HIS B 184 5.35 -20.53 -5.46
N MET B 185 4.38 -20.91 -6.30
CA MET B 185 4.37 -22.25 -6.86
C MET B 185 5.61 -22.45 -7.73
N ALA B 186 6.15 -21.34 -8.22
CA ALA B 186 7.34 -21.36 -9.08
C ALA B 186 8.57 -21.92 -8.38
N GLU B 187 8.91 -21.43 -7.19
CA GLU B 187 10.10 -21.99 -6.56
C GLU B 187 9.83 -23.40 -6.05
N TRP B 188 8.57 -23.73 -5.76
CA TRP B 188 8.25 -25.09 -5.32
C TRP B 188 8.59 -26.01 -6.48
N PHE B 189 8.27 -25.56 -7.69
CA PHE B 189 8.54 -26.31 -8.91
C PHE B 189 10.03 -26.58 -8.99
N MET B 190 10.82 -25.55 -8.70
CA MET B 190 12.27 -25.65 -8.73
C MET B 190 12.80 -26.63 -7.69
N GLU B 191 12.19 -26.67 -6.52
CA GLU B 191 12.62 -27.59 -5.48
C GLU B 191 12.44 -29.03 -5.96
N GLY B 192 11.29 -29.30 -6.57
CA GLY B 192 11.04 -30.64 -7.07
C GLY B 192 12.02 -31.02 -8.16
N LEU B 193 12.31 -30.07 -9.05
CA LEU B 193 13.24 -30.29 -10.15
C LEU B 193 14.63 -30.62 -9.62
N ILE B 194 15.09 -29.83 -8.66
CA ILE B 194 16.41 -30.05 -8.08
C ILE B 194 16.49 -31.34 -7.29
N GLU B 195 15.45 -31.62 -6.51
CA GLU B 195 15.46 -32.84 -5.70
C GLU B 195 15.50 -34.13 -6.53
N ARG B 196 15.02 -34.08 -7.76
CA ARG B 196 15.04 -35.27 -8.61
C ARG B 196 16.47 -35.71 -8.90
N LEU B 197 17.38 -34.73 -8.93
CA LEU B 197 18.79 -35.01 -9.21
C LEU B 197 19.44 -35.84 -8.09
N GLN B 198 18.71 -36.09 -7.01
CA GLN B 198 19.24 -36.87 -5.89
C GLN B 198 18.89 -38.36 -6.01
N ARG B 199 18.15 -38.70 -7.05
CA ARG B 199 17.72 -40.08 -7.27
C ARG B 199 18.83 -40.99 -7.79
N PRO B 200 19.07 -42.12 -7.09
CA PRO B 200 20.12 -43.05 -7.52
C PRO B 200 19.61 -43.83 -8.74
N ASP B 201 20.52 -44.19 -9.64
CA ASP B 201 20.15 -44.96 -10.82
C ASP B 201 19.02 -44.35 -11.64
N ASP B 202 19.11 -43.04 -11.91
CA ASP B 202 18.10 -42.35 -12.71
C ASP B 202 18.64 -42.35 -14.14
N THR B 203 18.40 -43.44 -14.86
CA THR B 203 18.88 -43.57 -16.23
C THR B 203 18.42 -42.45 -17.16
N GLU B 204 17.23 -41.90 -16.91
CA GLU B 204 16.72 -40.84 -17.77
C GLU B 204 17.54 -39.56 -17.55
N MET B 205 17.86 -39.26 -16.29
CA MET B 205 18.65 -38.08 -15.98
C MET B 205 20.12 -38.28 -16.33
N GLN B 206 20.61 -39.51 -16.17
CA GLN B 206 21.99 -39.82 -16.49
C GLN B 206 22.28 -39.50 -17.95
N ARG B 207 21.38 -39.91 -18.84
CA ARG B 207 21.56 -39.64 -20.27
C ARG B 207 21.37 -38.17 -20.59
N LEU B 208 20.36 -37.53 -19.98
CA LEU B 208 20.12 -36.12 -20.23
C LEU B 208 21.35 -35.29 -19.91
N LEU B 209 21.95 -35.54 -18.76
CA LEU B 209 23.12 -34.79 -18.33
C LEU B 209 24.40 -35.13 -19.09
N GLU B 210 24.36 -36.17 -19.91
CA GLU B 210 25.53 -36.53 -20.70
C GLU B 210 25.53 -35.60 -21.92
N LYS B 211 24.34 -35.09 -22.24
CA LYS B 211 24.17 -34.21 -23.38
C LYS B 211 23.95 -32.75 -23.04
N ALA B 212 23.46 -32.46 -21.83
CA ALA B 212 23.21 -31.07 -21.47
C ALA B 212 23.55 -30.70 -20.03
N ASP B 213 23.68 -29.40 -19.80
CA ASP B 213 23.95 -28.85 -18.49
C ASP B 213 22.70 -28.05 -18.20
N LEU B 214 22.35 -27.95 -16.92
CA LEU B 214 21.16 -27.21 -16.52
C LEU B 214 21.61 -25.92 -15.86
N TYR B 215 20.97 -24.82 -16.25
CA TYR B 215 21.25 -23.51 -15.68
C TYR B 215 19.98 -23.13 -14.96
N LEU B 216 20.03 -23.12 -13.63
CA LEU B 216 18.84 -22.84 -12.82
C LEU B 216 18.88 -21.64 -11.87
N VAL B 217 17.79 -20.89 -11.85
CA VAL B 217 17.64 -19.74 -10.98
C VAL B 217 16.37 -19.98 -10.17
N PRO B 218 16.51 -20.57 -8.97
CA PRO B 218 15.39 -20.88 -8.07
C PRO B 218 14.46 -19.71 -7.77
N ASN B 219 15.01 -18.50 -7.70
CA ASN B 219 14.17 -17.33 -7.42
C ASN B 219 14.74 -16.04 -8.02
N MET B 220 13.97 -15.49 -8.96
CA MET B 220 14.32 -14.28 -9.68
C MET B 220 13.99 -12.97 -8.97
N ASN B 221 13.25 -13.03 -7.87
CA ASN B 221 12.84 -11.81 -7.19
C ASN B 221 12.80 -11.98 -5.67
N PRO B 222 13.95 -12.18 -5.03
CA PRO B 222 13.99 -12.36 -3.57
C PRO B 222 13.42 -11.18 -2.77
N ASP B 223 13.63 -9.96 -3.25
CA ASP B 223 13.11 -8.77 -2.57
C ASP B 223 11.60 -8.82 -2.57
N GLY B 224 11.02 -9.02 -3.75
CA GLY B 224 9.57 -9.07 -3.87
C GLY B 224 8.97 -10.19 -3.04
N ALA B 225 9.61 -11.35 -3.04
CA ALA B 225 9.09 -12.48 -2.28
C ALA B 225 9.13 -12.18 -0.78
N PHE B 226 10.29 -11.73 -0.29
CA PHE B 226 10.42 -11.44 1.13
C PHE B 226 9.42 -10.39 1.59
N HIS B 227 9.15 -9.39 0.76
CA HIS B 227 8.24 -8.33 1.16
C HIS B 227 6.76 -8.59 0.92
N GLY B 228 6.44 -9.77 0.41
CA GLY B 228 5.04 -10.08 0.16
C GLY B 228 4.41 -9.37 -1.01
N ASN B 229 5.22 -9.02 -2.01
CA ASN B 229 4.74 -8.36 -3.22
C ASN B 229 4.07 -9.40 -4.11
N LEU B 230 3.29 -8.95 -5.07
CA LEU B 230 2.64 -9.86 -6.01
C LEU B 230 3.39 -9.88 -7.34
N ARG B 231 3.58 -8.70 -7.93
CA ARG B 231 4.19 -8.62 -9.25
C ARG B 231 5.47 -7.89 -9.54
N THR B 232 5.92 -7.00 -8.65
CA THR B 232 7.13 -6.25 -8.95
C THR B 232 8.29 -6.46 -7.99
N ASN B 233 9.48 -6.07 -8.43
CA ASN B 233 10.65 -6.18 -7.58
C ASN B 233 10.61 -4.93 -6.68
N ALA B 234 11.62 -4.72 -5.86
CA ALA B 234 11.64 -3.57 -4.96
C ALA B 234 11.48 -2.20 -5.62
N ALA B 235 12.02 -2.05 -6.83
CA ALA B 235 11.95 -0.79 -7.55
C ALA B 235 10.61 -0.54 -8.23
N GLY B 236 9.71 -1.50 -8.13
CA GLY B 236 8.38 -1.35 -8.74
C GLY B 236 8.32 -1.80 -10.18
N GLN B 237 9.35 -2.49 -10.64
CA GLN B 237 9.39 -2.98 -12.01
C GLN B 237 8.87 -4.41 -12.14
N ASP B 238 8.04 -4.65 -13.16
CA ASP B 238 7.54 -5.99 -13.44
C ASP B 238 8.72 -6.61 -14.17
N LEU B 239 9.46 -7.50 -13.51
CA LEU B 239 10.63 -8.09 -14.14
C LEU B 239 10.35 -8.80 -15.45
N ASN B 240 9.16 -9.35 -15.63
CA ASN B 240 8.89 -10.06 -16.88
C ASN B 240 8.69 -9.12 -18.08
N ARG B 241 8.64 -7.82 -17.82
CA ARG B 241 8.47 -6.85 -18.90
C ARG B 241 9.74 -6.02 -19.07
N ALA B 242 10.83 -6.46 -18.43
CA ALA B 242 12.09 -5.73 -18.48
C ALA B 242 13.16 -6.39 -19.33
N TRP B 243 12.79 -7.39 -20.14
CA TRP B 243 13.80 -8.07 -20.92
C TRP B 243 14.33 -7.37 -22.18
N LEU B 244 13.58 -6.42 -22.74
CA LEU B 244 14.07 -5.71 -23.92
C LEU B 244 15.00 -4.58 -23.48
N GLU B 245 14.65 -3.91 -22.39
CA GLU B 245 15.44 -2.81 -21.87
C GLU B 245 15.78 -2.98 -20.39
N PRO B 246 16.54 -4.03 -20.06
CA PRO B 246 16.92 -4.27 -18.66
C PRO B 246 17.82 -3.16 -18.11
N SER B 247 17.81 -3.01 -16.78
CA SER B 247 18.60 -1.97 -16.12
C SER B 247 19.34 -2.53 -14.90
N ALA B 248 20.62 -2.21 -14.78
CA ALA B 248 21.41 -2.67 -13.66
C ALA B 248 20.88 -2.01 -12.39
N GLU B 249 20.20 -0.88 -12.55
CA GLU B 249 19.65 -0.14 -11.42
C GLU B 249 18.23 -0.57 -11.07
N ARG B 250 17.35 -0.54 -12.06
CA ARG B 250 15.94 -0.87 -11.88
C ARG B 250 15.55 -2.34 -11.97
N SER B 251 16.25 -3.11 -12.81
CA SER B 251 15.95 -4.53 -12.96
C SER B 251 17.23 -5.34 -12.97
N PRO B 252 18.06 -5.21 -11.93
CA PRO B 252 19.33 -5.93 -11.83
C PRO B 252 19.17 -7.45 -11.90
N GLU B 253 18.02 -7.94 -11.44
CA GLU B 253 17.73 -9.37 -11.45
C GLU B 253 17.77 -9.91 -12.88
N VAL B 254 17.16 -9.17 -13.81
CA VAL B 254 17.11 -9.54 -15.21
C VAL B 254 18.42 -9.21 -15.92
N TRP B 255 19.05 -8.11 -15.52
CA TRP B 255 20.31 -7.71 -16.11
C TRP B 255 21.30 -8.83 -15.93
N PHE B 256 21.33 -9.36 -14.70
CA PHE B 256 22.22 -10.44 -14.32
C PHE B 256 22.03 -11.69 -15.19
N VAL B 257 20.81 -12.18 -15.28
CA VAL B 257 20.56 -13.38 -16.08
C VAL B 257 20.92 -13.18 -17.54
N GLN B 258 20.64 -12.00 -18.09
CA GLN B 258 20.97 -11.74 -19.49
C GLN B 258 22.49 -11.75 -19.72
N GLN B 259 23.25 -11.27 -18.74
CA GLN B 259 24.71 -11.24 -18.83
C GLN B 259 25.24 -12.67 -18.87
N GLU B 260 24.67 -13.52 -18.02
CA GLU B 260 25.09 -14.91 -17.94
C GLU B 260 24.68 -15.71 -19.17
N MET B 261 23.53 -15.37 -19.75
CA MET B 261 23.07 -16.07 -20.95
C MET B 261 23.99 -15.73 -22.12
N LYS B 262 24.47 -14.50 -22.16
CA LYS B 262 25.37 -14.07 -23.23
C LYS B 262 26.70 -14.81 -23.10
N ARG B 263 27.13 -15.04 -21.86
CA ARG B 263 28.40 -15.72 -21.61
C ARG B 263 28.39 -17.21 -21.94
N HIS B 264 27.32 -17.90 -21.55
CA HIS B 264 27.22 -19.34 -21.76
C HIS B 264 26.41 -19.84 -22.95
N GLY B 265 25.36 -19.12 -23.33
CA GLY B 265 24.56 -19.57 -24.45
C GLY B 265 23.27 -20.20 -23.94
N VAL B 266 22.27 -20.28 -24.82
CA VAL B 266 20.97 -20.83 -24.44
C VAL B 266 20.41 -21.74 -25.54
N ASP B 267 19.99 -22.94 -25.16
CA ASP B 267 19.42 -23.89 -26.13
C ASP B 267 17.99 -24.27 -25.78
N LEU B 268 17.54 -23.79 -24.62
CA LEU B 268 16.19 -24.03 -24.14
C LEU B 268 15.94 -23.06 -22.99
N PHE B 269 14.72 -22.54 -22.91
CA PHE B 269 14.39 -21.59 -21.85
C PHE B 269 12.98 -21.80 -21.31
N LEU B 270 12.91 -22.02 -20.01
CA LEU B 270 11.64 -22.21 -19.34
C LEU B 270 11.54 -21.15 -18.24
N ASP B 271 10.46 -20.39 -18.29
CA ASP B 271 10.18 -19.32 -17.34
C ASP B 271 8.98 -19.78 -16.51
N ILE B 272 9.22 -20.07 -15.23
CA ILE B 272 8.18 -20.60 -14.35
C ILE B 272 7.31 -19.56 -13.67
N HIS B 273 6.00 -19.67 -13.91
CA HIS B 273 5.01 -18.74 -13.37
C HIS B 273 3.79 -19.40 -12.72
N GLY B 274 2.91 -18.52 -12.22
CA GLY B 274 1.66 -18.92 -11.62
C GLY B 274 0.61 -18.00 -12.22
N ASP B 275 -0.56 -18.54 -12.54
CA ASP B 275 -1.62 -17.70 -13.11
C ASP B 275 -2.81 -17.68 -12.16
N GLU B 276 -3.29 -16.48 -11.85
CA GLU B 276 -4.41 -16.30 -10.94
C GLU B 276 -5.75 -16.82 -11.43
N GLU B 277 -6.06 -16.52 -12.70
CA GLU B 277 -7.32 -16.86 -13.34
C GLU B 277 -7.62 -18.30 -13.79
N ILE B 278 -6.76 -18.83 -14.65
CA ILE B 278 -6.96 -20.15 -15.24
C ILE B 278 -6.69 -21.35 -14.33
N PRO B 279 -7.71 -22.20 -14.12
CA PRO B 279 -7.60 -23.38 -13.27
C PRO B 279 -7.05 -24.59 -14.04
N HIS B 280 -5.93 -24.38 -14.72
CA HIS B 280 -5.24 -25.42 -15.49
C HIS B 280 -3.75 -25.08 -15.65
N VAL B 281 -2.90 -26.10 -15.65
CA VAL B 281 -1.48 -25.91 -15.87
C VAL B 281 -1.34 -25.80 -17.38
N PHE B 282 -0.54 -24.85 -17.87
CA PHE B 282 -0.36 -24.71 -19.30
C PHE B 282 0.95 -24.02 -19.64
N ALA B 283 1.23 -23.87 -20.93
CA ALA B 283 2.45 -23.24 -21.39
C ALA B 283 2.16 -22.26 -22.51
N ALA B 284 2.89 -21.15 -22.54
CA ALA B 284 2.72 -20.14 -23.58
C ALA B 284 4.03 -20.06 -24.35
N GLY B 285 3.95 -20.12 -25.68
CA GLY B 285 5.15 -20.08 -26.50
C GLY B 285 5.51 -18.77 -27.20
N CYS B 286 6.28 -18.88 -28.27
CA CYS B 286 6.74 -17.73 -29.04
C CYS B 286 6.13 -17.58 -30.43
N GLU B 287 4.90 -18.07 -30.62
CA GLU B 287 4.26 -17.97 -31.93
C GLU B 287 4.14 -16.55 -32.49
N GLY B 288 4.26 -15.54 -31.63
CA GLY B 288 4.16 -14.17 -32.10
C GLY B 288 5.49 -13.52 -32.46
N ASN B 289 6.60 -14.21 -32.19
CA ASN B 289 7.93 -13.67 -32.47
C ASN B 289 8.22 -13.46 -33.94
N PRO B 290 8.82 -12.31 -34.30
CA PRO B 290 9.14 -12.06 -35.71
C PRO B 290 10.05 -13.18 -36.21
N GLY B 291 10.83 -13.75 -35.29
CA GLY B 291 11.75 -14.82 -35.64
C GLY B 291 11.19 -16.23 -35.52
N TYR B 292 9.88 -16.36 -35.37
CA TYR B 292 9.26 -17.68 -35.26
C TYR B 292 9.49 -18.48 -36.53
N THR B 293 9.70 -19.79 -36.39
CA THR B 293 9.95 -20.67 -37.52
C THR B 293 9.22 -22.00 -37.39
N PRO B 294 9.16 -22.76 -38.50
CA PRO B 294 8.47 -24.06 -38.47
C PRO B 294 9.18 -24.97 -37.47
N ARG B 295 10.49 -24.81 -37.36
CA ARG B 295 11.30 -25.60 -36.44
C ARG B 295 10.81 -25.39 -35.01
N LEU B 296 10.67 -24.13 -34.62
CA LEU B 296 10.21 -23.81 -33.27
C LEU B 296 8.77 -24.23 -33.07
N GLU B 297 7.94 -24.07 -34.11
CA GLU B 297 6.54 -24.46 -34.02
C GLU B 297 6.49 -25.96 -33.71
N ARG B 298 7.33 -26.72 -34.41
CA ARG B 298 7.41 -28.17 -34.21
C ARG B 298 7.89 -28.50 -32.81
N LEU B 299 8.95 -27.83 -32.38
CA LEU B 299 9.50 -28.06 -31.05
C LEU B 299 8.49 -27.78 -29.94
N GLU B 300 7.69 -26.73 -30.11
CA GLU B 300 6.70 -26.41 -29.10
C GLU B 300 5.65 -27.50 -29.02
N GLN B 301 5.22 -28.03 -30.17
CA GLN B 301 4.21 -29.08 -30.15
C GLN B 301 4.78 -30.34 -29.51
N ARG B 302 6.04 -30.62 -29.80
CA ARG B 302 6.71 -31.79 -29.24
C ARG B 302 6.75 -31.71 -27.72
N PHE B 303 7.14 -30.55 -27.19
CA PHE B 303 7.22 -30.35 -25.75
C PHE B 303 5.84 -30.52 -25.10
N ARG B 304 4.85 -29.83 -25.62
CA ARG B 304 3.51 -29.91 -25.06
C ARG B 304 2.94 -31.33 -25.05
N GLU B 305 3.15 -32.07 -26.13
CA GLU B 305 2.65 -33.45 -26.22
C GLU B 305 3.29 -34.40 -25.20
N GLU B 306 4.62 -34.34 -25.10
CA GLU B 306 5.35 -35.19 -24.17
C GLU B 306 5.05 -34.89 -22.71
N LEU B 307 4.90 -33.61 -22.37
CA LEU B 307 4.62 -33.25 -20.99
C LEU B 307 3.18 -33.60 -20.60
N MET B 308 2.25 -33.42 -21.53
CA MET B 308 0.86 -33.74 -21.26
C MET B 308 0.72 -35.24 -21.03
N ALA B 309 1.59 -36.01 -21.67
CA ALA B 309 1.58 -37.46 -21.51
C ALA B 309 2.17 -37.90 -20.18
N ARG B 310 3.01 -37.05 -19.59
CA ARG B 310 3.66 -37.38 -18.32
C ARG B 310 3.17 -36.71 -17.03
N GLY B 311 2.78 -35.44 -17.07
CA GLY B 311 2.35 -34.80 -15.84
C GLY B 311 1.03 -34.05 -15.87
N GLU B 312 0.80 -33.25 -14.85
CA GLU B 312 -0.43 -32.44 -14.77
C GLU B 312 -0.21 -31.23 -15.66
N PHE B 313 -0.57 -31.40 -16.92
CA PHE B 313 -0.40 -30.37 -17.92
C PHE B 313 -1.39 -30.57 -19.06
N GLN B 314 -1.85 -29.48 -19.65
CA GLN B 314 -2.78 -29.58 -20.77
C GLN B 314 -2.53 -28.47 -21.80
N ILE B 315 -3.25 -28.52 -22.92
CA ILE B 315 -3.07 -27.57 -24.01
C ILE B 315 -4.33 -26.76 -24.35
N ARG B 316 -5.49 -27.35 -24.06
CA ARG B 316 -6.77 -26.73 -24.35
C ARG B 316 -6.95 -25.32 -23.76
N HIS B 317 -6.72 -25.20 -22.46
CA HIS B 317 -6.87 -23.92 -21.77
C HIS B 317 -5.54 -23.18 -21.63
N GLY B 318 -5.62 -21.85 -21.70
CA GLY B 318 -4.42 -21.03 -21.57
C GLY B 318 -4.65 -19.66 -22.16
N TYR B 319 -3.58 -18.90 -22.38
CA TYR B 319 -3.69 -17.57 -22.97
C TYR B 319 -3.89 -17.71 -24.47
N PRO B 320 -4.58 -16.73 -25.09
CA PRO B 320 -4.79 -16.81 -26.54
C PRO B 320 -3.44 -16.74 -27.26
N ARG B 321 -3.37 -17.35 -28.43
CA ARG B 321 -2.13 -17.34 -29.20
C ARG B 321 -1.96 -15.95 -29.81
N SER B 322 -0.72 -15.52 -29.96
CA SER B 322 -0.44 -14.22 -30.54
C SER B 322 -0.53 -14.30 -32.07
N ALA B 323 -0.93 -13.20 -32.69
CA ALA B 323 -1.02 -13.16 -34.15
C ALA B 323 0.43 -13.13 -34.61
N PRO B 324 0.71 -13.70 -35.80
CA PRO B 324 2.07 -13.73 -36.31
C PRO B 324 2.80 -12.38 -36.23
N GLY B 325 4.03 -12.40 -35.71
CA GLY B 325 4.82 -11.19 -35.60
C GLY B 325 4.37 -10.11 -34.64
N GLN B 326 3.33 -10.37 -33.85
CA GLN B 326 2.83 -9.36 -32.93
C GLN B 326 3.20 -9.56 -31.46
N ALA B 327 4.17 -10.41 -31.18
CA ALA B 327 4.58 -10.65 -29.80
C ALA B 327 5.20 -9.39 -29.19
N ASN B 328 5.16 -9.30 -27.87
CA ASN B 328 5.76 -8.18 -27.16
C ASN B 328 7.14 -8.72 -26.78
N LEU B 329 8.18 -8.22 -27.44
CA LEU B 329 9.52 -8.71 -27.16
C LEU B 329 10.16 -8.29 -25.84
N ALA B 330 9.40 -7.61 -25.00
CA ALA B 330 9.91 -7.18 -23.70
C ALA B 330 9.73 -8.28 -22.67
N LEU B 331 8.92 -9.29 -23.04
CA LEU B 331 8.65 -10.42 -22.17
C LEU B 331 9.77 -11.47 -22.26
N ALA B 332 10.19 -12.00 -21.12
CA ALA B 332 11.27 -12.99 -21.03
C ALA B 332 11.23 -14.12 -22.06
N CYS B 333 10.15 -14.89 -22.07
CA CYS B 333 10.01 -16.01 -22.99
C CYS B 333 10.28 -15.59 -24.45
N ASN B 334 9.58 -14.55 -24.89
CA ASN B 334 9.72 -14.06 -26.26
C ASN B 334 11.12 -13.53 -26.55
N PHE B 335 11.65 -12.71 -25.64
CA PHE B 335 12.98 -12.12 -25.82
C PHE B 335 14.08 -13.18 -25.97
N VAL B 336 14.10 -14.12 -25.02
CA VAL B 336 15.11 -15.17 -25.04
C VAL B 336 14.93 -16.11 -26.23
N GLY B 337 13.68 -16.49 -26.50
CA GLY B 337 13.41 -17.36 -27.62
C GLY B 337 13.92 -16.82 -28.95
N GLN B 338 13.67 -15.54 -29.20
CA GLN B 338 14.11 -14.91 -30.44
C GLN B 338 15.61 -14.63 -30.45
N THR B 339 16.13 -14.13 -29.32
CA THR B 339 17.55 -13.82 -29.23
C THR B 339 18.44 -15.02 -29.46
N TYR B 340 18.06 -16.18 -28.92
CA TYR B 340 18.85 -17.38 -29.05
C TYR B 340 18.27 -18.43 -30.00
N ASP B 341 17.19 -18.07 -30.68
CA ASP B 341 16.53 -18.98 -31.62
C ASP B 341 16.38 -20.35 -30.99
N CYS B 342 15.85 -20.39 -29.78
CA CYS B 342 15.67 -21.63 -29.05
C CYS B 342 14.23 -21.83 -28.60
N LEU B 343 13.92 -23.07 -28.22
CA LEU B 343 12.59 -23.39 -27.72
C LEU B 343 12.46 -22.60 -26.43
N ALA B 344 11.37 -21.85 -26.30
CA ALA B 344 11.16 -21.05 -25.09
C ALA B 344 9.68 -21.05 -24.71
N PHE B 345 9.41 -21.32 -23.44
CA PHE B 345 8.05 -21.38 -22.90
C PHE B 345 7.95 -20.79 -21.50
N THR B 346 6.77 -20.29 -21.17
CA THR B 346 6.52 -19.84 -19.81
C THR B 346 5.66 -21.02 -19.37
N ILE B 347 5.86 -21.48 -18.15
CA ILE B 347 5.04 -22.57 -17.65
C ILE B 347 4.18 -21.94 -16.56
N GLU B 348 2.86 -22.08 -16.69
CA GLU B 348 1.95 -21.47 -15.73
C GLU B 348 1.19 -22.49 -14.89
N MET B 349 1.30 -22.36 -13.57
CA MET B 349 0.59 -23.23 -12.63
C MET B 349 -0.51 -22.38 -11.97
N PRO B 350 -1.68 -22.97 -11.71
CA PRO B 350 -2.81 -22.26 -11.11
C PRO B 350 -2.76 -22.00 -9.61
N PHE B 351 -3.34 -20.86 -9.20
CA PHE B 351 -3.45 -20.52 -7.79
C PHE B 351 -4.68 -21.27 -7.26
N LYS B 352 -5.55 -21.65 -8.18
CA LYS B 352 -6.76 -22.39 -7.85
C LYS B 352 -6.39 -23.87 -7.85
N ASP B 353 -7.01 -24.66 -8.72
CA ASP B 353 -6.69 -26.07 -8.81
C ASP B 353 -6.42 -26.35 -10.27
N HIS B 354 -5.91 -27.54 -10.56
CA HIS B 354 -5.69 -27.97 -11.93
C HIS B 354 -6.96 -28.80 -12.10
N ASP B 355 -7.98 -28.18 -12.66
CA ASP B 355 -9.28 -28.83 -12.83
C ASP B 355 -9.34 -30.13 -13.63
N ASP B 356 -8.30 -30.46 -14.38
CA ASP B 356 -8.33 -31.71 -15.14
C ASP B 356 -8.12 -32.88 -14.17
N ASN B 357 -7.52 -32.57 -13.03
CA ASN B 357 -7.24 -33.55 -11.99
C ASN B 357 -7.35 -32.85 -10.65
N PRO B 358 -8.58 -32.46 -10.25
CA PRO B 358 -8.87 -31.77 -9.00
C PRO B 358 -8.63 -32.54 -7.70
N GLU B 359 -8.25 -31.77 -6.67
CA GLU B 359 -7.99 -32.26 -5.32
C GLU B 359 -8.44 -31.10 -4.43
N PRO B 360 -9.73 -31.09 -4.06
CA PRO B 360 -10.37 -30.04 -3.23
C PRO B 360 -9.69 -29.73 -1.90
N GLY B 361 -9.08 -30.73 -1.28
CA GLY B 361 -8.43 -30.51 0.00
C GLY B 361 -7.24 -29.57 -0.04
N THR B 362 -6.50 -29.59 -1.15
CA THR B 362 -5.31 -28.76 -1.28
C THR B 362 -5.33 -27.81 -2.48
N GLY B 363 -6.12 -28.12 -3.50
CA GLY B 363 -6.11 -27.30 -4.68
C GLY B 363 -4.71 -27.49 -5.23
N TRP B 364 -4.23 -26.59 -6.08
CA TRP B 364 -2.86 -26.76 -6.57
C TRP B 364 -1.99 -26.52 -5.33
N SER B 365 -0.87 -27.23 -5.22
CA SER B 365 -0.03 -27.11 -4.04
C SER B 365 1.46 -27.11 -4.30
N GLY B 366 2.22 -26.98 -3.23
CA GLY B 366 3.66 -26.99 -3.33
C GLY B 366 4.09 -28.38 -3.75
N ALA B 367 3.46 -29.40 -3.18
CA ALA B 367 3.77 -30.79 -3.51
C ALA B 367 3.55 -31.10 -4.99
N ARG B 368 2.44 -30.60 -5.54
CA ARG B 368 2.12 -30.85 -6.94
C ARG B 368 3.01 -30.02 -7.86
N SER B 369 3.48 -28.88 -7.35
CA SER B 369 4.36 -28.03 -8.15
C SER B 369 5.70 -28.76 -8.25
N LYS B 370 6.12 -29.36 -7.14
CA LYS B 370 7.38 -30.12 -7.09
C LYS B 370 7.30 -31.27 -8.09
N ARG B 371 6.18 -31.98 -8.09
CA ARG B 371 6.02 -33.10 -9.01
C ARG B 371 6.10 -32.65 -10.46
N LEU B 372 5.45 -31.54 -10.78
CA LEU B 372 5.48 -31.04 -12.15
C LEU B 372 6.92 -30.74 -12.53
N GLY B 373 7.70 -30.22 -11.57
CA GLY B 373 9.09 -29.90 -11.84
C GLY B 373 9.83 -31.13 -12.34
N GLN B 374 9.54 -32.27 -11.72
CA GLN B 374 10.19 -33.52 -12.09
C GLN B 374 9.70 -34.06 -13.41
N ASP B 375 8.41 -33.90 -13.71
CA ASP B 375 7.88 -34.39 -14.97
C ASP B 375 8.43 -33.56 -16.13
N VAL B 376 8.74 -32.30 -15.87
CA VAL B 376 9.29 -31.44 -16.90
C VAL B 376 10.69 -31.93 -17.25
N LEU B 377 11.43 -32.39 -16.25
CA LEU B 377 12.77 -32.91 -16.49
C LEU B 377 12.71 -34.15 -17.39
N SER B 378 11.70 -34.99 -17.19
CA SER B 378 11.54 -36.19 -18.00
C SER B 378 11.28 -35.78 -19.44
N THR B 379 10.48 -34.72 -19.61
CA THR B 379 10.15 -34.22 -20.93
C THR B 379 11.39 -33.68 -21.65
N LEU B 380 12.27 -33.02 -20.91
CA LEU B 380 13.48 -32.47 -21.48
C LEU B 380 14.40 -33.59 -21.95
N ALA B 381 14.42 -34.68 -21.20
CA ALA B 381 15.26 -35.83 -21.53
C ALA B 381 14.82 -36.43 -22.87
N VAL B 382 13.51 -36.50 -23.07
CA VAL B 382 12.95 -37.05 -24.31
C VAL B 382 13.21 -36.17 -25.53
N LEU B 383 13.30 -34.85 -25.31
CA LEU B 383 13.51 -33.90 -26.40
C LEU B 383 14.92 -33.39 -26.62
N VAL B 384 15.81 -33.59 -25.66
CA VAL B 384 17.18 -33.07 -25.78
C VAL B 384 17.84 -33.20 -27.15
N ASP B 385 17.70 -34.34 -27.83
CA ASP B 385 18.32 -34.50 -29.15
C ASP B 385 17.67 -33.70 -30.28
N GLU B 386 16.53 -33.08 -29.99
CA GLU B 386 15.80 -32.31 -30.99
C GLU B 386 15.94 -30.79 -30.82
N LEU B 387 16.45 -30.37 -29.68
CA LEU B 387 16.61 -28.94 -29.40
C LEU B 387 17.54 -28.22 -30.41
N ARG B 388 18.60 -28.89 -30.84
CA ARG B 388 19.53 -28.31 -31.81
C ARG B 388 19.82 -29.34 -32.90
#